data_1I3K
#
_entry.id   1I3K
#
_cell.length_a   78.100
_cell.length_b   89.900
_cell.length_c   96.900
_cell.angle_alpha   90.00
_cell.angle_beta   90.00
_cell.angle_gamma   90.00
#
_symmetry.space_group_name_H-M   'P 21 21 21'
#
loop_
_entity.id
_entity.type
_entity.pdbx_description
1 polymer 'UDP-GLUCOSE 4-EPIMERASE'
2 non-polymer 'CHLORIDE ION'
3 non-polymer 'MAGNESIUM ION'
4 non-polymer NICOTINAMIDE-ADENINE-DINUCLEOTIDE
5 non-polymer "URIDINE-5'-DIPHOSPHATE-GLUCOSE"
6 non-polymer 1,2-ETHANEDIOL
7 water water
#
_entity_poly.entity_id   1
_entity_poly.type   'polypeptide(L)'
_entity_poly.pdbx_seq_one_letter_code
;MAEKVLVTGGAGYIGSHTVLELLEAGYLPVVIDNFHNAFRGGGSLPESLRRVQELTGRSVEFEEMDILDQGALQRLFKKY
SFMAVIHFAGLKAMGESVQKPLDYYRVNLTGTIQLLEIMKAHGVKNLVFSSSATVYGNPQYLPLDEAHPTGGCTNPYGKS
KFFIEEMIRDLCQADKTWNVVLLRYFNPTGAHASGCIGEDPQGIPNNLMPYVSQVAIGRREALNVFGNDYDTEDGTGVRD
YIHVVDLAKGHIAALRKLKEQCGCRIYNLGTGTGYSVLQMVQAMEKASGKKIPYKVVARREGDVAACYANPSLAQEELGW
TAALGLDRMCEDLWRWQKQNPSGFGTQA
;
_entity_poly.pdbx_strand_id   A,B
#
# COMPACT_ATOMS: atom_id res chain seq x y z
N ALA A 2 -14.69 3.11 32.44
CA ALA A 2 -14.33 2.14 31.41
C ALA A 2 -13.68 2.77 30.18
N GLU A 3 -12.98 1.92 29.42
CA GLU A 3 -12.33 2.37 28.21
C GLU A 3 -13.29 2.42 27.03
N LYS A 4 -13.03 3.36 26.16
CA LYS A 4 -13.86 3.57 24.99
C LYS A 4 -13.45 2.75 23.77
N VAL A 5 -14.31 2.83 22.77
CA VAL A 5 -14.11 2.19 21.50
C VAL A 5 -14.23 3.33 20.50
N LEU A 6 -13.19 3.56 19.72
CA LEU A 6 -13.22 4.60 18.69
C LEU A 6 -13.83 3.99 17.44
N VAL A 7 -14.79 4.68 16.84
CA VAL A 7 -15.41 4.22 15.61
C VAL A 7 -15.17 5.23 14.55
N THR A 8 -14.29 4.95 13.58
CA THR A 8 -14.05 5.90 12.49
C THR A 8 -15.10 5.69 11.40
N GLY A 9 -15.50 6.75 10.70
CA GLY A 9 -16.51 6.61 9.65
C GLY A 9 -17.84 6.13 10.24
N GLY A 10 -18.08 6.42 11.53
CA GLY A 10 -19.25 5.97 12.24
C GLY A 10 -20.62 6.52 11.78
N ALA A 11 -20.64 7.55 10.94
CA ALA A 11 -21.94 8.07 10.52
C ALA A 11 -22.49 7.40 9.27
N GLY A 12 -21.67 6.58 8.62
CA GLY A 12 -22.03 5.92 7.38
C GLY A 12 -22.99 4.76 7.59
N TYR A 13 -23.20 4.04 6.49
CA TYR A 13 -24.14 2.92 6.49
C TYR A 13 -23.85 1.86 7.54
N ILE A 14 -22.72 1.19 7.36
CA ILE A 14 -22.34 0.12 8.29
C ILE A 14 -21.97 0.63 9.67
N GLY A 15 -21.24 1.76 9.68
CA GLY A 15 -20.82 2.40 10.91
C GLY A 15 -21.98 2.80 11.82
N SER A 16 -23.02 3.44 11.26
CA SER A 16 -24.13 3.85 12.11
C SER A 16 -24.84 2.65 12.74
N HIS A 17 -24.98 1.58 11.95
CA HIS A 17 -25.63 0.37 12.44
C HIS A 17 -24.77 -0.26 13.53
N THR A 18 -23.44 -0.18 13.33
CA THR A 18 -22.53 -0.72 14.33
C THR A 18 -22.53 0.11 15.62
N VAL A 19 -22.58 1.45 15.51
CA VAL A 19 -22.65 2.28 16.72
C VAL A 19 -23.88 1.88 17.53
N LEU A 20 -24.99 1.66 16.82
CA LEU A 20 -26.23 1.23 17.48
C LEU A 20 -26.00 -0.07 18.24
N GLU A 21 -25.38 -1.08 17.56
CA GLU A 21 -25.12 -2.35 18.21
C GLU A 21 -24.23 -2.21 19.43
N LEU A 22 -23.21 -1.38 19.26
CA LEU A 22 -22.28 -1.14 20.36
C LEU A 22 -23.01 -0.58 21.58
N LEU A 23 -23.82 0.47 21.35
CA LEU A 23 -24.57 1.10 22.44
C LEU A 23 -25.47 0.10 23.19
N GLU A 24 -26.14 -0.73 22.40
CA GLU A 24 -27.01 -1.74 22.97
C GLU A 24 -26.27 -2.78 23.75
N ALA A 25 -25.04 -3.07 23.33
CA ALA A 25 -24.25 -4.07 24.02
C ALA A 25 -23.48 -3.53 25.20
N GLY A 26 -23.68 -2.28 25.58
CA GLY A 26 -22.95 -1.81 26.74
C GLY A 26 -21.63 -1.14 26.48
N TYR A 27 -21.27 -0.92 25.23
CA TYR A 27 -20.00 -0.27 24.93
C TYR A 27 -20.14 1.26 24.94
N LEU A 28 -19.01 1.96 24.97
CA LEU A 28 -19.00 3.42 24.96
C LEU A 28 -18.20 3.90 23.76
N PRO A 29 -18.88 4.19 22.69
CA PRO A 29 -18.18 4.61 21.53
C PRO A 29 -17.92 6.09 21.51
N VAL A 30 -16.91 6.42 20.72
CA VAL A 30 -16.50 7.77 20.42
C VAL A 30 -16.47 7.67 18.91
N VAL A 31 -17.26 8.47 18.23
CA VAL A 31 -17.31 8.38 16.79
C VAL A 31 -16.79 9.59 16.06
N ILE A 32 -16.07 9.34 14.97
CA ILE A 32 -15.55 10.41 14.16
C ILE A 32 -15.98 10.19 12.71
N ASP A 33 -16.19 11.29 11.97
CA ASP A 33 -16.58 11.24 10.56
C ASP A 33 -16.36 12.61 10.00
N ASN A 34 -16.06 12.69 8.71
CA ASN A 34 -15.82 13.95 8.03
C ASN A 34 -16.97 14.31 7.08
N PHE A 35 -18.04 13.54 7.09
CA PHE A 35 -19.19 13.82 6.24
C PHE A 35 -18.94 13.65 4.77
N HIS A 36 -17.89 12.93 4.41
CA HIS A 36 -17.64 12.75 3.00
C HIS A 36 -18.81 12.04 2.34
N ASN A 37 -19.39 11.08 3.07
CA ASN A 37 -20.51 10.33 2.51
C ASN A 37 -21.58 10.07 3.57
N ALA A 38 -21.85 11.10 4.35
CA ALA A 38 -22.85 11.07 5.42
C ALA A 38 -23.51 12.44 5.49
N PHE A 39 -24.81 12.39 5.78
CA PHE A 39 -25.65 13.57 5.85
C PHE A 39 -25.61 14.28 7.19
N ARG A 40 -25.44 15.58 7.09
CA ARG A 40 -25.40 16.34 8.30
C ARG A 40 -26.82 16.55 8.80
N GLY A 41 -26.97 16.41 10.09
CA GLY A 41 -28.27 16.65 10.70
C GLY A 41 -28.47 18.14 11.01
N GLY A 42 -29.61 18.47 11.60
CA GLY A 42 -29.90 19.83 11.96
C GLY A 42 -28.98 20.31 13.05
N GLY A 43 -28.49 19.40 13.89
CA GLY A 43 -27.57 19.76 14.95
C GLY A 43 -26.14 19.34 14.59
N SER A 44 -25.33 19.12 15.63
CA SER A 44 -23.95 18.70 15.47
C SER A 44 -23.84 17.25 14.99
N LEU A 45 -24.70 16.38 15.49
CA LEU A 45 -24.65 14.99 15.07
C LEU A 45 -25.10 14.75 13.69
N PRO A 46 -24.49 13.76 13.05
CA PRO A 46 -24.93 13.37 11.74
C PRO A 46 -26.36 12.87 11.97
N GLU A 47 -27.22 13.00 10.98
CA GLU A 47 -28.60 12.58 11.18
C GLU A 47 -28.72 11.11 11.59
N SER A 48 -27.93 10.25 10.93
CA SER A 48 -27.96 8.86 11.27
C SER A 48 -27.71 8.60 12.74
N LEU A 49 -26.74 9.30 13.31
CA LEU A 49 -26.41 9.10 14.70
C LEU A 49 -27.37 9.76 15.68
N ARG A 50 -27.99 10.83 15.22
CA ARG A 50 -28.97 11.51 16.06
C ARG A 50 -30.11 10.50 16.29
N ARG A 51 -30.47 9.80 15.21
CA ARG A 51 -31.49 8.79 15.25
C ARG A 51 -31.04 7.59 16.09
N VAL A 52 -29.76 7.20 15.97
CA VAL A 52 -29.29 6.06 16.79
C VAL A 52 -29.42 6.45 18.26
N GLN A 53 -29.16 7.71 18.59
CA GLN A 53 -29.30 8.19 19.94
C GLN A 53 -30.75 8.05 20.43
N GLU A 54 -31.69 8.41 19.57
CA GLU A 54 -33.11 8.28 19.92
C GLU A 54 -33.51 6.80 20.11
N LEU A 55 -33.10 5.97 19.15
CA LEU A 55 -33.41 4.56 19.17
C LEU A 55 -32.92 3.85 20.39
N THR A 56 -31.70 4.15 20.79
CA THR A 56 -31.11 3.48 21.92
C THR A 56 -31.33 4.13 23.25
N GLY A 57 -31.62 5.42 23.23
CA GLY A 57 -31.81 6.15 24.46
C GLY A 57 -30.46 6.39 25.14
N ARG A 58 -29.40 6.25 24.36
CA ARG A 58 -28.01 6.44 24.80
C ARG A 58 -27.33 7.51 23.98
N SER A 59 -26.46 8.27 24.65
CA SER A 59 -25.76 9.35 24.01
C SER A 59 -24.62 8.88 23.11
N VAL A 60 -24.48 9.60 22.01
CA VAL A 60 -23.43 9.29 21.07
C VAL A 60 -22.39 10.39 21.15
N GLU A 61 -21.12 10.03 21.47
CA GLU A 61 -20.00 10.98 21.54
C GLU A 61 -19.45 11.08 20.15
N PHE A 62 -19.50 12.27 19.58
CA PHE A 62 -19.07 12.48 18.21
C PHE A 62 -18.21 13.72 18.02
N GLU A 63 -17.31 13.61 17.06
CA GLU A 63 -16.43 14.70 16.67
C GLU A 63 -16.29 14.69 15.16
N GLU A 64 -16.54 15.82 14.54
CA GLU A 64 -16.38 15.90 13.11
C GLU A 64 -14.86 15.97 12.91
N MET A 65 -14.33 15.06 12.10
CA MET A 65 -12.89 15.03 11.93
C MET A 65 -12.50 14.15 10.77
N ASP A 66 -11.39 14.47 10.11
CA ASP A 66 -10.91 13.69 9.00
C ASP A 66 -9.78 12.79 9.51
N ILE A 67 -9.75 11.51 9.13
CA ILE A 67 -8.65 10.66 9.63
C ILE A 67 -7.31 11.16 9.11
N LEU A 68 -7.34 11.97 8.05
CA LEU A 68 -6.12 12.53 7.49
C LEU A 68 -5.58 13.70 8.30
N ASP A 69 -6.35 14.22 9.24
CA ASP A 69 -5.95 15.34 10.08
C ASP A 69 -5.18 14.85 11.28
N GLN A 70 -3.87 14.84 11.08
CA GLN A 70 -3.00 14.35 12.11
C GLN A 70 -3.14 14.96 13.50
N GLY A 71 -3.10 16.30 13.54
CA GLY A 71 -3.22 16.94 14.83
C GLY A 71 -4.53 16.61 15.55
N ALA A 72 -5.67 16.57 14.83
CA ALA A 72 -6.94 16.29 15.47
C ALA A 72 -7.03 14.88 16.01
N LEU A 73 -6.49 13.97 15.22
CA LEU A 73 -6.49 12.55 15.58
C LEU A 73 -5.59 12.32 16.80
N GLN A 74 -4.41 12.95 16.80
CA GLN A 74 -3.53 12.83 17.95
C GLN A 74 -4.22 13.39 19.20
N ARG A 75 -4.84 14.58 19.11
CA ARG A 75 -5.53 15.14 20.26
C ARG A 75 -6.63 14.19 20.77
N LEU A 76 -7.34 13.54 19.83
CA LEU A 76 -8.38 12.61 20.20
C LEU A 76 -7.87 11.43 21.00
N PHE A 77 -6.77 10.85 20.52
CA PHE A 77 -6.17 9.71 21.21
C PHE A 77 -5.59 10.14 22.57
N LYS A 78 -5.23 11.43 22.67
CA LYS A 78 -4.69 11.94 23.92
C LYS A 78 -5.83 12.15 24.92
N LYS A 79 -6.95 12.65 24.43
CA LYS A 79 -8.11 12.92 25.28
C LYS A 79 -8.77 11.68 25.85
N TYR A 80 -8.94 10.64 25.04
CA TYR A 80 -9.58 9.44 25.57
C TYR A 80 -8.62 8.28 25.72
N SER A 81 -9.09 7.26 26.44
CA SER A 81 -8.36 6.02 26.65
C SER A 81 -9.16 4.97 25.89
N PHE A 82 -8.77 4.72 24.67
CA PHE A 82 -9.48 3.76 23.88
C PHE A 82 -8.96 2.37 24.09
N MET A 83 -9.86 1.40 24.14
CA MET A 83 -9.42 0.06 24.30
C MET A 83 -9.35 -0.65 22.93
N ALA A 84 -9.98 -0.06 21.93
CA ALA A 84 -10.00 -0.61 20.60
C ALA A 84 -10.51 0.43 19.62
N VAL A 85 -10.21 0.20 18.36
CA VAL A 85 -10.65 1.04 17.26
C VAL A 85 -11.31 0.17 16.20
N ILE A 86 -12.49 0.61 15.72
CA ILE A 86 -13.23 -0.05 14.64
C ILE A 86 -13.12 0.97 13.51
N HIS A 87 -12.37 0.62 12.45
CA HIS A 87 -12.09 1.50 11.34
C HIS A 87 -12.91 1.33 10.09
N PHE A 88 -13.99 2.13 9.96
CA PHE A 88 -14.86 2.09 8.77
C PHE A 88 -14.53 3.23 7.79
N ALA A 89 -13.88 4.30 8.30
CA ALA A 89 -13.61 5.42 7.45
C ALA A 89 -12.78 5.12 6.22
N GLY A 90 -13.27 5.58 5.08
CA GLY A 90 -12.57 5.42 3.83
C GLY A 90 -13.46 5.72 2.64
N LEU A 91 -12.88 5.65 1.44
CA LEU A 91 -13.61 5.86 0.21
C LEU A 91 -14.00 4.50 -0.31
N LYS A 92 -15.18 4.43 -0.85
CA LYS A 92 -15.62 3.18 -1.45
C LYS A 92 -15.85 3.56 -2.89
N ALA A 93 -16.23 2.65 -3.74
CA ALA A 93 -16.34 3.26 -5.04
C ALA A 93 -17.71 3.36 -5.63
N MET A 94 -17.92 4.50 -6.27
CA MET A 94 -19.10 4.88 -7.01
C MET A 94 -18.68 4.51 -8.42
N GLY A 95 -17.84 3.45 -8.45
CA GLY A 95 -17.22 2.94 -9.68
C GLY A 95 -16.15 3.95 -10.15
N GLU A 96 -15.75 4.81 -9.19
CA GLU A 96 -14.79 5.90 -9.31
C GLU A 96 -13.31 5.54 -9.21
N SER A 97 -12.98 4.63 -8.30
CA SER A 97 -11.62 4.19 -8.01
C SER A 97 -10.68 4.11 -9.19
N VAL A 98 -11.07 3.38 -10.23
CA VAL A 98 -10.21 3.25 -11.38
C VAL A 98 -9.76 4.59 -11.95
N GLN A 99 -10.61 5.62 -11.85
CA GLN A 99 -10.29 6.92 -12.38
C GLN A 99 -9.56 7.83 -11.41
N LYS A 100 -9.70 7.60 -10.10
CA LYS A 100 -9.03 8.48 -9.16
C LYS A 100 -8.20 7.67 -8.18
N PRO A 101 -7.21 6.95 -8.70
CA PRO A 101 -6.40 6.10 -7.86
C PRO A 101 -5.78 6.76 -6.64
N LEU A 102 -5.21 7.95 -6.84
CA LEU A 102 -4.57 8.67 -5.76
C LEU A 102 -5.50 9.02 -4.62
N ASP A 103 -6.78 9.20 -4.93
CA ASP A 103 -7.71 9.52 -3.84
C ASP A 103 -7.89 8.32 -2.96
N TYR A 104 -7.94 7.13 -3.57
CA TYR A 104 -8.08 5.89 -2.83
C TYR A 104 -6.82 5.60 -2.02
N TYR A 105 -5.68 5.76 -2.68
CA TYR A 105 -4.40 5.54 -2.00
C TYR A 105 -4.19 6.53 -0.83
N ARG A 106 -4.57 7.77 -1.02
CA ARG A 106 -4.42 8.74 0.05
C ARG A 106 -5.40 8.47 1.19
N VAL A 107 -6.70 8.49 0.90
CA VAL A 107 -7.69 8.28 1.95
C VAL A 107 -7.62 6.93 2.62
N ASN A 108 -7.63 5.87 1.84
CA ASN A 108 -7.60 4.54 2.42
C ASN A 108 -6.26 4.09 2.98
N LEU A 109 -5.27 4.15 2.11
CA LEU A 109 -3.91 3.72 2.50
C LEU A 109 -3.20 4.66 3.48
N THR A 110 -2.92 5.89 3.03
CA THR A 110 -2.25 6.78 3.98
C THR A 110 -3.09 7.08 5.22
N GLY A 111 -4.42 7.15 5.04
CA GLY A 111 -5.26 7.41 6.19
C GLY A 111 -5.13 6.30 7.23
N THR A 112 -5.10 5.05 6.74
CA THR A 112 -4.99 3.97 7.69
C THR A 112 -3.57 3.88 8.30
N ILE A 113 -2.55 4.18 7.52
CA ILE A 113 -1.19 4.12 8.05
C ILE A 113 -1.07 5.08 9.21
N GLN A 114 -1.61 6.29 8.97
CA GLN A 114 -1.62 7.34 9.99
C GLN A 114 -2.37 6.94 11.24
N LEU A 115 -3.54 6.33 11.06
CA LEU A 115 -4.32 5.85 12.17
C LEU A 115 -3.53 4.82 12.98
N LEU A 116 -2.89 3.85 12.29
CA LEU A 116 -2.08 2.82 12.96
C LEU A 116 -0.90 3.43 13.75
N GLU A 117 -0.23 4.42 13.14
CA GLU A 117 0.86 5.09 13.80
C GLU A 117 0.39 5.80 15.09
N ILE A 118 -0.74 6.51 14.96
CA ILE A 118 -1.33 7.24 16.11
C ILE A 118 -1.77 6.31 17.20
N MET A 119 -2.33 5.19 16.75
CA MET A 119 -2.75 4.15 17.66
C MET A 119 -1.55 3.65 18.46
N LYS A 120 -0.51 3.20 17.72
CA LYS A 120 0.71 2.70 18.36
C LYS A 120 1.29 3.69 19.39
N ALA A 121 1.44 4.92 18.94
CA ALA A 121 2.00 5.95 19.80
C ALA A 121 1.18 6.18 21.06
N HIS A 122 -0.13 5.93 20.99
CA HIS A 122 -0.98 6.12 22.16
C HIS A 122 -1.24 4.83 22.94
N GLY A 123 -0.51 3.79 22.55
CA GLY A 123 -0.64 2.53 23.21
C GLY A 123 -1.95 1.79 22.97
N VAL A 124 -2.59 2.02 21.82
CA VAL A 124 -3.86 1.33 21.48
C VAL A 124 -3.51 0.35 20.37
N LYS A 125 -3.53 -0.93 20.70
CA LYS A 125 -3.11 -1.92 19.72
C LYS A 125 -4.12 -3.00 19.44
N ASN A 126 -5.38 -2.59 19.44
CA ASN A 126 -6.51 -3.47 19.19
C ASN A 126 -7.32 -2.86 18.06
N LEU A 127 -7.45 -3.55 16.94
CA LEU A 127 -8.17 -2.99 15.81
C LEU A 127 -9.13 -3.96 15.12
N VAL A 128 -10.22 -3.39 14.57
CA VAL A 128 -11.20 -4.10 13.79
C VAL A 128 -11.19 -3.31 12.51
N PHE A 129 -10.83 -3.94 11.40
CA PHE A 129 -10.74 -3.27 10.13
C PHE A 129 -11.78 -3.69 9.11
N SER A 130 -12.38 -2.71 8.44
CA SER A 130 -13.37 -3.01 7.41
C SER A 130 -12.73 -3.42 6.10
N SER A 131 -12.69 -4.73 5.83
CA SER A 131 -12.14 -5.24 4.60
C SER A 131 -13.26 -5.64 3.65
N SER A 132 -12.94 -6.30 2.54
CA SER A 132 -13.99 -6.64 1.61
C SER A 132 -13.69 -7.89 0.81
N ALA A 133 -14.74 -8.55 0.34
CA ALA A 133 -14.58 -9.75 -0.50
C ALA A 133 -13.85 -9.38 -1.81
N THR A 134 -13.75 -8.08 -2.12
CA THR A 134 -13.06 -7.69 -3.32
C THR A 134 -11.58 -8.02 -3.28
N VAL A 135 -11.01 -8.18 -2.10
CA VAL A 135 -9.60 -8.50 -2.01
C VAL A 135 -9.27 -9.86 -2.63
N TYR A 136 -10.28 -10.73 -2.78
CA TYR A 136 -10.10 -12.04 -3.37
C TYR A 136 -9.95 -11.94 -4.89
N GLY A 137 -10.36 -10.80 -5.48
CA GLY A 137 -10.28 -10.62 -6.92
C GLY A 137 -11.33 -11.51 -7.59
N ASN A 138 -11.14 -11.80 -8.88
CA ASN A 138 -12.07 -12.66 -9.61
C ASN A 138 -11.97 -14.06 -9.00
N PRO A 139 -13.06 -14.57 -8.44
CA PRO A 139 -13.01 -15.88 -7.80
C PRO A 139 -12.39 -16.99 -8.63
N GLN A 140 -11.49 -17.75 -8.02
CA GLN A 140 -10.87 -18.83 -8.78
C GLN A 140 -11.66 -20.10 -8.48
N TYR A 141 -12.43 -20.02 -7.43
CA TYR A 141 -13.31 -21.06 -6.96
C TYR A 141 -14.33 -20.50 -6.01
N LEU A 142 -15.36 -21.28 -5.74
CA LEU A 142 -16.42 -20.90 -4.83
C LEU A 142 -16.81 -22.09 -3.98
N PRO A 143 -17.29 -21.86 -2.77
CA PRO A 143 -17.42 -20.51 -2.19
C PRO A 143 -16.03 -19.97 -1.82
N LEU A 144 -15.94 -18.65 -1.52
CA LEU A 144 -14.69 -18.03 -1.14
C LEU A 144 -14.40 -18.19 0.33
N ASP A 145 -13.35 -18.95 0.61
CA ASP A 145 -12.96 -19.13 2.00
C ASP A 145 -11.76 -18.20 2.26
N GLU A 146 -11.40 -18.03 3.52
CA GLU A 146 -10.32 -17.12 3.82
C GLU A 146 -9.02 -17.47 3.18
N ALA A 147 -8.84 -18.75 2.85
CA ALA A 147 -7.62 -19.27 2.22
C ALA A 147 -7.54 -18.95 0.73
N HIS A 148 -8.65 -18.51 0.15
CA HIS A 148 -8.60 -18.16 -1.27
C HIS A 148 -7.58 -17.05 -1.49
N PRO A 149 -6.79 -17.11 -2.56
CA PRO A 149 -5.81 -16.06 -2.82
C PRO A 149 -6.39 -14.65 -2.82
N THR A 150 -5.58 -13.71 -2.32
CA THR A 150 -5.95 -12.33 -2.22
C THR A 150 -4.99 -11.51 -3.01
N GLY A 151 -5.42 -10.35 -3.47
CA GLY A 151 -4.47 -9.60 -4.26
C GLY A 151 -4.86 -9.87 -5.72
N GLY A 152 -4.35 -9.08 -6.64
CA GLY A 152 -4.76 -9.29 -8.01
C GLY A 152 -6.14 -8.70 -8.26
N CYS A 153 -6.53 -7.75 -7.36
CA CYS A 153 -7.82 -7.05 -7.41
C CYS A 153 -7.87 -6.21 -8.65
N THR A 154 -9.07 -5.94 -9.11
CA THR A 154 -9.24 -5.18 -10.33
C THR A 154 -9.07 -3.68 -10.21
N ASN A 155 -9.43 -3.12 -9.09
CA ASN A 155 -9.34 -1.68 -9.04
C ASN A 155 -8.56 -1.15 -7.86
N PRO A 156 -8.36 0.15 -7.90
CA PRO A 156 -7.64 0.79 -6.82
C PRO A 156 -8.34 0.66 -5.49
N TYR A 157 -9.66 0.60 -5.46
CA TYR A 157 -10.34 0.47 -4.19
C TYR A 157 -9.99 -0.89 -3.56
N GLY A 158 -10.11 -1.95 -4.36
CA GLY A 158 -9.82 -3.27 -3.88
C GLY A 158 -8.34 -3.44 -3.52
N LYS A 159 -7.47 -2.85 -4.32
CA LYS A 159 -6.05 -2.98 -4.01
C LYS A 159 -5.76 -2.27 -2.70
N SER A 160 -6.43 -1.13 -2.51
CA SER A 160 -6.22 -0.40 -1.27
C SER A 160 -6.53 -1.25 -0.07
N LYS A 161 -7.62 -2.02 -0.18
CA LYS A 161 -8.04 -2.90 0.91
C LYS A 161 -7.00 -4.01 1.14
N PHE A 162 -6.52 -4.55 0.04
CA PHE A 162 -5.55 -5.62 0.10
C PHE A 162 -4.24 -5.12 0.72
N PHE A 163 -3.75 -3.96 0.26
CA PHE A 163 -2.50 -3.42 0.82
C PHE A 163 -2.65 -3.17 2.31
N ILE A 164 -3.82 -2.68 2.74
CA ILE A 164 -4.05 -2.46 4.15
C ILE A 164 -4.01 -3.77 4.92
N GLU A 165 -4.65 -4.82 4.40
CA GLU A 165 -4.62 -6.12 5.08
C GLU A 165 -3.16 -6.55 5.27
N GLU A 166 -2.44 -6.45 4.16
CA GLU A 166 -1.04 -6.85 4.19
C GLU A 166 -0.27 -6.11 5.22
N MET A 167 -0.47 -4.79 5.28
CA MET A 167 0.25 -3.99 6.27
C MET A 167 -0.04 -4.40 7.69
N ILE A 168 -1.31 -4.64 7.98
CA ILE A 168 -1.72 -5.06 9.30
C ILE A 168 -1.15 -6.45 9.68
N ARG A 169 -1.15 -7.36 8.71
CA ARG A 169 -0.60 -8.68 8.95
C ARG A 169 0.89 -8.55 9.37
N ASP A 170 1.65 -7.70 8.67
CA ASP A 170 3.07 -7.51 9.00
C ASP A 170 3.27 -6.89 10.35
N LEU A 171 2.41 -5.93 10.63
CA LEU A 171 2.48 -5.27 11.90
C LEU A 171 2.29 -6.29 12.99
N CYS A 172 1.31 -7.19 12.83
CA CYS A 172 1.06 -8.18 13.88
C CYS A 172 2.21 -9.19 14.01
N GLN A 173 2.81 -9.46 12.87
CA GLN A 173 3.91 -10.37 12.76
C GLN A 173 5.09 -9.81 13.54
N ALA A 174 5.33 -8.52 13.37
CA ALA A 174 6.45 -7.85 14.04
C ALA A 174 6.26 -7.62 15.54
N ASP A 175 5.04 -7.31 15.93
CA ASP A 175 4.70 -7.04 17.31
C ASP A 175 3.55 -7.93 17.75
N LYS A 176 3.87 -8.91 18.55
CA LYS A 176 2.89 -9.85 19.01
C LYS A 176 1.88 -9.25 19.99
N THR A 177 2.11 -7.99 20.40
CA THR A 177 1.17 -7.35 21.30
C THR A 177 -0.06 -6.79 20.57
N TRP A 178 -0.02 -6.70 19.23
CA TRP A 178 -1.15 -6.19 18.46
C TRP A 178 -2.18 -7.29 18.29
N ASN A 179 -3.43 -6.90 18.29
CA ASN A 179 -4.57 -7.77 18.06
C ASN A 179 -5.34 -7.03 16.96
N VAL A 180 -5.69 -7.72 15.88
CA VAL A 180 -6.40 -7.09 14.77
C VAL A 180 -7.32 -8.10 14.11
N VAL A 181 -8.57 -7.70 13.93
CA VAL A 181 -9.50 -8.55 13.27
C VAL A 181 -9.86 -7.89 11.94
N LEU A 182 -9.53 -8.54 10.83
CA LEU A 182 -9.82 -8.06 9.49
C LEU A 182 -11.10 -8.74 9.05
N LEU A 183 -12.15 -7.95 8.78
CA LEU A 183 -13.46 -8.49 8.39
C LEU A 183 -13.71 -8.21 6.94
N ARG A 184 -13.79 -9.28 6.18
CA ARG A 184 -14.02 -9.15 4.76
C ARG A 184 -15.53 -9.17 4.52
N TYR A 185 -16.14 -8.02 4.40
CA TYR A 185 -17.59 -8.04 4.20
C TYR A 185 -17.96 -8.48 2.78
N PHE A 186 -19.14 -9.09 2.65
CA PHE A 186 -19.66 -9.46 1.35
C PHE A 186 -20.57 -8.31 0.87
N ASN A 187 -21.86 -8.50 0.57
CA ASN A 187 -22.68 -7.35 0.11
C ASN A 187 -23.72 -6.95 1.15
N PRO A 188 -23.39 -5.99 2.01
CA PRO A 188 -24.35 -5.57 3.05
C PRO A 188 -25.61 -4.93 2.47
N THR A 189 -26.75 -5.30 3.07
CA THR A 189 -28.06 -4.78 2.66
C THR A 189 -29.01 -4.76 3.83
N GLY A 190 -30.20 -4.20 3.60
CA GLY A 190 -31.16 -4.13 4.66
C GLY A 190 -30.98 -2.88 5.51
N ALA A 191 -31.68 -2.89 6.64
CA ALA A 191 -31.64 -1.75 7.57
C ALA A 191 -32.10 -2.17 8.94
N HIS A 192 -31.83 -1.30 9.94
CA HIS A 192 -32.27 -1.54 11.29
C HIS A 192 -33.78 -1.76 11.23
N ALA A 193 -34.31 -2.65 12.06
CA ALA A 193 -35.75 -2.96 12.02
C ALA A 193 -36.69 -1.84 12.31
N SER A 194 -36.20 -0.77 12.92
CA SER A 194 -37.09 0.35 13.23
C SER A 194 -37.55 1.07 11.97
N GLY A 195 -36.73 1.00 10.92
CA GLY A 195 -36.96 1.67 9.65
C GLY A 195 -36.45 3.14 9.67
N CYS A 196 -35.87 3.54 10.81
CA CYS A 196 -35.36 4.87 11.05
C CYS A 196 -34.02 5.19 10.43
N ILE A 197 -33.19 4.18 10.22
CA ILE A 197 -31.90 4.43 9.60
C ILE A 197 -31.70 3.37 8.52
N GLY A 198 -30.82 3.66 7.60
CA GLY A 198 -30.52 2.77 6.52
C GLY A 198 -29.47 3.39 5.64
N GLU A 199 -29.32 2.81 4.47
CA GLU A 199 -28.40 3.23 3.46
C GLU A 199 -29.00 4.47 2.84
N ASP A 200 -28.17 5.52 2.85
CA ASP A 200 -28.55 6.81 2.38
C ASP A 200 -27.67 7.34 1.27
N PRO A 201 -27.82 6.77 0.10
CA PRO A 201 -27.03 7.17 -1.02
C PRO A 201 -27.33 8.57 -1.51
N GLN A 202 -26.28 9.24 -1.98
CA GLN A 202 -26.34 10.59 -2.53
C GLN A 202 -26.40 10.47 -4.06
N GLY A 203 -27.48 10.96 -4.64
CA GLY A 203 -27.62 10.88 -6.08
C GLY A 203 -28.04 9.48 -6.58
N ILE A 204 -27.65 9.15 -7.80
CA ILE A 204 -27.99 7.85 -8.38
C ILE A 204 -27.15 6.75 -7.74
N PRO A 205 -27.85 5.85 -7.05
CA PRO A 205 -27.17 4.76 -6.40
C PRO A 205 -26.32 3.94 -7.36
N ASN A 206 -25.10 3.60 -6.93
CA ASN A 206 -24.18 2.81 -7.74
C ASN A 206 -24.37 1.32 -7.43
N ASN A 207 -24.95 1.00 -6.27
CA ASN A 207 -25.18 -0.37 -5.86
C ASN A 207 -26.59 -0.82 -6.11
N LEU A 208 -26.77 -2.11 -6.23
CA LEU A 208 -28.06 -2.68 -6.56
C LEU A 208 -29.30 -2.37 -5.75
N MET A 209 -29.24 -2.75 -4.50
CA MET A 209 -30.35 -2.66 -3.60
C MET A 209 -31.03 -1.33 -3.46
N PRO A 210 -30.23 -0.29 -3.22
CA PRO A 210 -30.85 1.03 -3.10
C PRO A 210 -31.55 1.42 -4.41
N TYR A 211 -30.99 1.00 -5.53
CA TYR A 211 -31.58 1.32 -6.79
C TYR A 211 -32.91 0.59 -6.87
N VAL A 212 -32.90 -0.70 -6.55
CA VAL A 212 -34.12 -1.45 -6.58
C VAL A 212 -35.19 -0.85 -5.69
N SER A 213 -34.83 -0.49 -4.47
CA SER A 213 -35.81 0.10 -3.59
C SER A 213 -36.32 1.43 -4.11
N GLN A 214 -35.44 2.15 -4.79
CA GLN A 214 -35.85 3.43 -5.33
C GLN A 214 -36.87 3.29 -6.45
N VAL A 215 -36.79 2.18 -7.15
CA VAL A 215 -37.73 1.89 -8.23
C VAL A 215 -39.05 1.50 -7.57
N ALA A 216 -38.93 0.61 -6.61
CA ALA A 216 -40.11 0.17 -5.89
C ALA A 216 -40.86 1.33 -5.26
N ILE A 217 -40.15 2.34 -4.73
CA ILE A 217 -40.83 3.47 -4.09
C ILE A 217 -41.40 4.46 -5.08
N GLY A 218 -41.00 4.33 -6.37
CA GLY A 218 -41.49 5.21 -7.40
C GLY A 218 -40.57 6.36 -7.81
N ARG A 219 -39.36 6.41 -7.29
CA ARG A 219 -38.42 7.48 -7.64
C ARG A 219 -37.76 7.28 -8.98
N ARG A 220 -37.58 6.01 -9.32
CA ARG A 220 -36.96 5.57 -10.56
C ARG A 220 -37.96 4.69 -11.30
N GLU A 221 -37.91 4.77 -12.63
CA GLU A 221 -38.84 4.01 -13.45
C GLU A 221 -38.52 2.54 -13.58
N ALA A 222 -37.26 2.22 -13.85
CA ALA A 222 -36.83 0.83 -14.02
C ALA A 222 -35.40 0.57 -13.59
N LEU A 223 -35.13 -0.66 -13.16
CA LEU A 223 -33.78 -1.03 -12.77
C LEU A 223 -32.99 -1.36 -14.01
N ASN A 224 -31.74 -0.91 -14.07
CA ASN A 224 -30.89 -1.24 -15.19
C ASN A 224 -30.10 -2.44 -14.74
N VAL A 225 -30.28 -3.57 -15.43
CA VAL A 225 -29.57 -4.78 -15.07
C VAL A 225 -28.29 -4.83 -15.88
N PHE A 226 -27.13 -4.84 -15.20
CA PHE A 226 -25.84 -4.86 -15.89
C PHE A 226 -25.40 -6.19 -16.45
N GLY A 227 -25.94 -6.55 -17.60
CA GLY A 227 -25.57 -7.80 -18.24
C GLY A 227 -26.37 -8.97 -17.72
N ASN A 228 -26.70 -9.89 -18.63
CA ASN A 228 -27.47 -11.06 -18.28
C ASN A 228 -26.90 -12.27 -19.01
N ASP A 229 -25.64 -12.14 -19.42
CA ASP A 229 -24.94 -13.19 -20.12
C ASP A 229 -23.80 -13.74 -19.29
N TYR A 230 -23.89 -13.66 -17.96
CA TYR A 230 -22.81 -14.19 -17.15
C TYR A 230 -23.00 -15.69 -17.01
N ASP A 231 -21.95 -16.41 -16.62
CA ASP A 231 -22.10 -17.83 -16.44
C ASP A 231 -22.66 -18.13 -15.05
N THR A 232 -23.97 -17.87 -14.92
CA THR A 232 -24.76 -18.06 -13.73
C THR A 232 -26.10 -18.63 -14.20
N GLU A 233 -26.85 -19.19 -13.28
CA GLU A 233 -28.14 -19.80 -13.62
C GLU A 233 -29.05 -18.93 -14.48
N ASP A 234 -29.23 -17.67 -14.11
CA ASP A 234 -30.09 -16.81 -14.90
C ASP A 234 -29.33 -15.80 -15.74
N GLY A 235 -27.99 -15.88 -15.75
CA GLY A 235 -27.15 -15.00 -16.53
C GLY A 235 -26.80 -13.67 -15.82
N THR A 236 -27.47 -13.42 -14.69
CA THR A 236 -27.22 -12.19 -13.94
C THR A 236 -26.25 -12.40 -12.81
N GLY A 237 -25.60 -11.33 -12.39
CA GLY A 237 -24.62 -11.47 -11.31
C GLY A 237 -25.15 -12.05 -10.03
N VAL A 238 -24.32 -12.85 -9.35
CA VAL A 238 -24.68 -13.49 -8.12
C VAL A 238 -23.84 -12.98 -6.99
N ARG A 239 -24.47 -12.65 -5.87
CA ARG A 239 -23.75 -12.14 -4.71
C ARG A 239 -24.31 -12.63 -3.41
N ASP A 240 -23.48 -12.60 -2.38
CA ASP A 240 -23.87 -12.99 -1.05
C ASP A 240 -24.32 -11.73 -0.29
N TYR A 241 -25.62 -11.50 -0.26
CA TYR A 241 -26.19 -10.33 0.43
C TYR A 241 -26.30 -10.63 1.91
N ILE A 242 -25.85 -9.73 2.78
CA ILE A 242 -25.90 -9.99 4.18
C ILE A 242 -26.54 -8.82 4.88
N HIS A 243 -27.45 -9.10 5.80
CA HIS A 243 -28.15 -8.08 6.54
C HIS A 243 -27.18 -7.20 7.33
N VAL A 244 -27.27 -5.87 7.12
CA VAL A 244 -26.38 -4.92 7.79
C VAL A 244 -26.42 -5.10 9.31
N VAL A 245 -27.58 -5.53 9.86
CA VAL A 245 -27.65 -5.71 11.30
C VAL A 245 -26.77 -6.88 11.75
N ASP A 246 -26.76 -7.95 10.95
CA ASP A 246 -25.94 -9.11 11.26
C ASP A 246 -24.47 -8.71 11.15
N LEU A 247 -24.19 -7.94 10.09
CA LEU A 247 -22.83 -7.46 9.85
C LEU A 247 -22.35 -6.63 11.03
N ALA A 248 -23.21 -5.73 11.49
CA ALA A 248 -22.91 -4.87 12.62
C ALA A 248 -22.60 -5.70 13.87
N LYS A 249 -23.44 -6.72 14.10
CA LYS A 249 -23.25 -7.59 15.24
C LYS A 249 -21.94 -8.36 15.18
N GLY A 250 -21.48 -8.64 13.97
CA GLY A 250 -20.20 -9.33 13.76
C GLY A 250 -19.05 -8.49 14.30
N HIS A 251 -19.25 -7.15 14.40
CA HIS A 251 -18.23 -6.26 14.91
C HIS A 251 -18.11 -6.41 16.41
N ILE A 252 -19.21 -6.70 17.06
CA ILE A 252 -19.19 -6.90 18.50
C ILE A 252 -18.45 -8.20 18.81
N ALA A 253 -18.66 -9.15 17.93
CA ALA A 253 -18.01 -10.44 18.06
C ALA A 253 -16.51 -10.20 17.87
N ALA A 254 -16.16 -9.32 16.94
CA ALA A 254 -14.77 -9.00 16.68
C ALA A 254 -14.13 -8.38 17.91
N LEU A 255 -14.82 -7.46 18.61
CA LEU A 255 -14.27 -6.86 19.81
C LEU A 255 -14.00 -7.94 20.86
N ARG A 256 -14.94 -8.89 20.99
CA ARG A 256 -14.74 -9.97 21.95
C ARG A 256 -13.50 -10.78 21.61
N LYS A 257 -13.28 -10.98 20.31
CA LYS A 257 -12.13 -11.74 19.84
C LYS A 257 -10.83 -11.05 20.21
N LEU A 258 -10.79 -9.72 20.09
CA LEU A 258 -9.58 -8.97 20.43
C LEU A 258 -9.20 -9.23 21.88
N LYS A 259 -10.23 -9.23 22.75
CA LYS A 259 -10.05 -9.46 24.18
C LYS A 259 -9.40 -10.80 24.49
N GLU A 260 -9.36 -11.69 23.51
CA GLU A 260 -8.73 -12.98 23.73
C GLU A 260 -7.26 -12.90 23.38
N GLN A 261 -6.78 -11.68 23.05
CA GLN A 261 -5.40 -11.53 22.66
C GLN A 261 -5.18 -12.46 21.48
N CYS A 262 -6.02 -12.30 20.47
CA CYS A 262 -5.99 -13.15 19.29
C CYS A 262 -4.91 -12.88 18.21
N GLY A 263 -4.16 -11.80 18.28
CA GLY A 263 -3.19 -11.54 17.24
C GLY A 263 -3.96 -11.09 16.00
N CYS A 264 -3.44 -11.43 14.85
CA CYS A 264 -4.09 -11.06 13.60
C CYS A 264 -5.06 -12.18 13.18
N ARG A 265 -6.33 -11.88 12.95
CA ARG A 265 -7.33 -12.88 12.54
C ARG A 265 -8.08 -12.28 11.38
N ILE A 266 -8.49 -13.11 10.41
CA ILE A 266 -9.21 -12.64 9.22
C ILE A 266 -10.46 -13.46 9.03
N TYR A 267 -11.61 -12.79 8.93
CA TYR A 267 -12.87 -13.50 8.78
C TYR A 267 -13.79 -12.92 7.74
N ASN A 268 -14.41 -13.81 7.00
CA ASN A 268 -15.40 -13.38 6.01
C ASN A 268 -16.69 -13.10 6.78
N LEU A 269 -17.42 -12.07 6.38
CA LEU A 269 -18.71 -11.79 7.01
C LEU A 269 -19.71 -11.83 5.86
N GLY A 270 -20.33 -12.99 5.69
CA GLY A 270 -21.33 -13.21 4.64
C GLY A 270 -22.31 -14.29 5.12
N THR A 271 -23.32 -14.60 4.31
CA THR A 271 -24.30 -15.63 4.73
C THR A 271 -23.97 -17.03 4.20
N GLY A 272 -23.20 -17.07 3.12
CA GLY A 272 -22.85 -18.34 2.51
C GLY A 272 -23.87 -18.60 1.41
N THR A 273 -24.89 -17.74 1.26
CA THR A 273 -25.91 -17.92 0.22
C THR A 273 -25.88 -16.79 -0.80
N GLY A 274 -25.75 -17.13 -2.09
CA GLY A 274 -25.71 -16.23 -3.23
C GLY A 274 -27.10 -16.12 -3.88
N TYR A 275 -27.45 -14.91 -4.30
CA TYR A 275 -28.69 -14.55 -4.99
C TYR A 275 -28.36 -13.73 -6.21
N SER A 276 -29.08 -13.97 -7.31
CA SER A 276 -28.84 -13.22 -8.52
C SER A 276 -29.57 -11.88 -8.48
N VAL A 277 -29.28 -11.06 -9.46
CA VAL A 277 -29.92 -9.76 -9.59
C VAL A 277 -31.45 -9.94 -9.69
N LEU A 278 -31.89 -10.82 -10.59
CA LEU A 278 -33.32 -11.09 -10.74
C LEU A 278 -33.94 -11.63 -9.45
N GLN A 279 -33.20 -12.49 -8.75
CA GLN A 279 -33.76 -12.99 -7.54
C GLN A 279 -33.98 -11.85 -6.51
N MET A 280 -33.05 -10.88 -6.48
CA MET A 280 -33.19 -9.78 -5.55
C MET A 280 -34.40 -8.90 -5.96
N VAL A 281 -34.57 -8.72 -7.26
CA VAL A 281 -35.71 -7.94 -7.75
C VAL A 281 -36.99 -8.60 -7.31
N GLN A 282 -37.06 -9.90 -7.51
CA GLN A 282 -38.24 -10.65 -7.11
C GLN A 282 -38.52 -10.56 -5.61
N ALA A 283 -37.46 -10.66 -4.79
CA ALA A 283 -37.65 -10.56 -3.37
C ALA A 283 -38.19 -9.17 -2.95
N MET A 284 -37.76 -8.17 -3.71
CA MET A 284 -38.16 -6.78 -3.44
C MET A 284 -39.61 -6.53 -3.87
N GLU A 285 -40.03 -7.23 -4.91
CA GLU A 285 -41.42 -7.13 -5.36
C GLU A 285 -42.27 -7.72 -4.24
N LYS A 286 -41.82 -8.87 -3.74
CA LYS A 286 -42.53 -9.49 -2.66
C LYS A 286 -42.58 -8.61 -1.39
N ALA A 287 -41.46 -7.97 -1.06
CA ALA A 287 -41.49 -7.17 0.15
C ALA A 287 -42.28 -5.91 0.08
N SER A 288 -42.16 -5.29 -1.07
CA SER A 288 -42.80 -4.02 -1.31
C SER A 288 -44.23 -4.08 -1.77
N GLY A 289 -44.65 -5.19 -2.35
CA GLY A 289 -46.02 -5.32 -2.85
C GLY A 289 -46.18 -4.54 -4.16
N LYS A 290 -45.07 -4.25 -4.82
CA LYS A 290 -45.03 -3.53 -6.08
C LYS A 290 -44.26 -4.24 -7.17
N LYS A 291 -44.64 -4.02 -8.43
CA LYS A 291 -43.90 -4.62 -9.51
C LYS A 291 -42.68 -3.75 -9.70
N ILE A 292 -41.54 -4.37 -9.98
CA ILE A 292 -40.28 -3.65 -10.16
C ILE A 292 -39.72 -3.87 -11.55
N PRO A 293 -39.96 -2.94 -12.45
CA PRO A 293 -39.46 -3.11 -13.78
C PRO A 293 -37.97 -2.96 -13.86
N TYR A 294 -37.42 -3.51 -14.95
CA TYR A 294 -36.02 -3.45 -15.23
C TYR A 294 -35.76 -3.71 -16.69
N LYS A 295 -34.58 -3.30 -17.09
CA LYS A 295 -34.11 -3.45 -18.43
C LYS A 295 -32.66 -3.90 -18.40
N VAL A 296 -32.34 -4.82 -19.30
CA VAL A 296 -31.00 -5.35 -19.38
C VAL A 296 -30.11 -4.44 -20.21
N VAL A 297 -28.99 -4.04 -19.64
CA VAL A 297 -28.11 -3.18 -20.35
C VAL A 297 -26.74 -3.84 -20.38
N ALA A 298 -25.76 -3.11 -20.90
CA ALA A 298 -24.41 -3.60 -21.02
C ALA A 298 -23.77 -3.95 -19.69
N ARG A 299 -22.82 -4.87 -19.73
CA ARG A 299 -22.10 -5.30 -18.54
C ARG A 299 -21.40 -4.08 -17.91
N ARG A 300 -21.13 -4.15 -16.61
CA ARG A 300 -20.44 -3.07 -15.93
C ARG A 300 -19.01 -3.49 -15.81
N GLU A 301 -18.12 -2.64 -16.27
CA GLU A 301 -16.69 -2.93 -16.25
C GLU A 301 -16.18 -3.51 -14.93
N GLY A 302 -15.47 -4.63 -15.00
CA GLY A 302 -14.90 -5.26 -13.82
C GLY A 302 -15.82 -6.11 -12.95
N ASP A 303 -17.10 -6.22 -13.30
CA ASP A 303 -18.04 -7.01 -12.51
C ASP A 303 -17.73 -8.48 -12.57
N VAL A 304 -17.82 -9.18 -11.45
CA VAL A 304 -17.55 -10.61 -11.52
C VAL A 304 -18.86 -11.34 -11.72
N ALA A 305 -18.80 -12.58 -12.20
CA ALA A 305 -19.98 -13.37 -12.42
C ALA A 305 -20.72 -13.72 -11.12
N ALA A 306 -19.98 -14.34 -10.21
CA ALA A 306 -20.56 -14.76 -8.96
C ALA A 306 -19.55 -14.70 -7.83
N CYS A 307 -20.05 -14.37 -6.66
CA CYS A 307 -19.22 -14.29 -5.48
C CYS A 307 -20.10 -14.57 -4.28
N TYR A 308 -19.64 -15.43 -3.42
CA TYR A 308 -20.33 -15.77 -2.18
C TYR A 308 -19.34 -16.36 -1.18
N ALA A 309 -19.60 -16.20 0.09
CA ALA A 309 -18.65 -16.66 1.08
C ALA A 309 -18.79 -18.05 1.60
N ASN A 310 -17.71 -18.45 2.26
CA ASN A 310 -17.70 -19.66 3.02
C ASN A 310 -17.65 -19.04 4.40
N PRO A 311 -18.76 -19.06 5.11
CA PRO A 311 -18.87 -18.44 6.43
C PRO A 311 -18.53 -19.29 7.66
N SER A 312 -17.99 -20.50 7.48
CA SER A 312 -17.68 -21.37 8.60
C SER A 312 -16.64 -20.88 9.59
N LEU A 313 -15.56 -20.27 9.10
CA LEU A 313 -14.52 -19.81 10.03
C LEU A 313 -15.06 -18.83 11.05
N ALA A 314 -15.87 -17.90 10.55
CA ALA A 314 -16.47 -16.90 11.43
C ALA A 314 -17.41 -17.54 12.43
N GLN A 315 -18.21 -18.51 11.97
CA GLN A 315 -19.12 -19.16 12.91
C GLN A 315 -18.33 -19.83 14.04
N GLU A 316 -17.26 -20.46 13.61
CA GLU A 316 -16.39 -21.19 14.51
C GLU A 316 -15.57 -20.35 15.45
N GLU A 317 -14.77 -19.44 14.88
CA GLU A 317 -13.89 -18.62 15.67
C GLU A 317 -14.54 -17.40 16.26
N LEU A 318 -15.40 -16.75 15.50
CA LEU A 318 -16.00 -15.56 16.09
C LEU A 318 -17.19 -15.86 16.93
N GLY A 319 -17.80 -17.04 16.71
CA GLY A 319 -18.97 -17.38 17.46
C GLY A 319 -20.08 -16.51 16.90
N TRP A 320 -20.04 -16.30 15.59
CA TRP A 320 -21.05 -15.45 14.96
C TRP A 320 -21.62 -16.04 13.68
N THR A 321 -22.91 -15.76 13.41
CA THR A 321 -23.52 -16.22 12.21
C THR A 321 -24.54 -15.20 11.74
N ALA A 322 -24.73 -15.13 10.43
CA ALA A 322 -25.70 -14.18 9.86
C ALA A 322 -27.13 -14.77 9.94
N ALA A 323 -27.84 -14.34 10.98
CA ALA A 323 -29.16 -14.75 11.36
C ALA A 323 -30.30 -14.24 10.51
N LEU A 324 -30.08 -13.27 9.66
CA LEU A 324 -31.21 -12.79 8.92
C LEU A 324 -31.27 -13.21 7.47
N GLY A 325 -32.46 -13.66 7.06
CA GLY A 325 -32.64 -14.11 5.71
C GLY A 325 -33.01 -13.04 4.73
N LEU A 326 -33.10 -13.46 3.49
CA LEU A 326 -33.44 -12.64 2.35
C LEU A 326 -34.73 -11.85 2.54
N ASP A 327 -35.80 -12.50 3.02
CA ASP A 327 -37.03 -11.77 3.18
C ASP A 327 -36.89 -10.68 4.20
N ARG A 328 -36.17 -10.99 5.28
CA ARG A 328 -35.92 -10.02 6.35
C ARG A 328 -35.17 -8.81 5.80
N MET A 329 -34.15 -9.07 4.98
CA MET A 329 -33.34 -8.03 4.36
C MET A 329 -34.19 -7.10 3.50
N CYS A 330 -35.04 -7.70 2.67
CA CYS A 330 -35.91 -6.95 1.79
C CYS A 330 -36.98 -6.20 2.58
N GLU A 331 -37.59 -6.86 3.54
CA GLU A 331 -38.61 -6.19 4.32
C GLU A 331 -38.04 -4.98 5.08
N ASP A 332 -36.83 -5.15 5.61
CA ASP A 332 -36.19 -4.08 6.39
C ASP A 332 -35.76 -2.90 5.54
N LEU A 333 -35.28 -3.23 4.36
CA LEU A 333 -34.86 -2.22 3.42
C LEU A 333 -36.11 -1.47 2.99
N TRP A 334 -37.18 -2.22 2.73
CA TRP A 334 -38.41 -1.59 2.29
C TRP A 334 -38.96 -0.63 3.35
N ARG A 335 -38.97 -1.05 4.60
CA ARG A 335 -39.48 -0.22 5.65
C ARG A 335 -38.73 1.12 5.70
N TRP A 336 -37.40 1.05 5.58
CA TRP A 336 -36.56 2.24 5.64
C TRP A 336 -36.88 3.14 4.45
N GLN A 337 -37.02 2.52 3.30
CA GLN A 337 -37.29 3.25 2.09
C GLN A 337 -38.66 3.93 2.09
N LYS A 338 -39.63 3.20 2.55
CA LYS A 338 -40.97 3.68 2.60
C LYS A 338 -41.11 4.79 3.61
N GLN A 339 -40.58 4.57 4.80
CA GLN A 339 -40.66 5.57 5.85
C GLN A 339 -39.84 6.83 5.56
N ASN A 340 -38.84 6.68 4.69
CA ASN A 340 -37.96 7.77 4.35
C ASN A 340 -37.72 7.80 2.88
N PRO A 341 -38.75 8.22 2.17
CA PRO A 341 -38.75 8.31 0.74
C PRO A 341 -37.54 9.01 0.11
N SER A 342 -37.00 9.96 0.85
CA SER A 342 -35.87 10.64 0.28
C SER A 342 -34.64 10.53 1.19
N GLY A 343 -34.50 9.41 1.87
CA GLY A 343 -33.38 9.20 2.74
C GLY A 343 -33.44 10.09 3.95
N PHE A 344 -32.28 10.40 4.51
CA PHE A 344 -32.24 11.26 5.69
C PHE A 344 -32.47 12.71 5.30
N GLY A 345 -33.03 13.41 6.28
CA GLY A 345 -33.34 14.83 6.21
C GLY A 345 -33.19 15.39 7.63
N THR A 346 -33.03 16.70 7.76
CA THR A 346 -32.91 17.28 9.09
C THR A 346 -34.31 17.31 9.71
N GLN A 347 -34.36 17.35 11.04
CA GLN A 347 -35.65 17.37 11.74
C GLN A 347 -36.52 18.56 11.36
N ALA A 348 -37.84 18.36 11.34
CA ALA A 348 -38.76 19.44 11.01
C ALA A 348 -39.02 20.28 12.26
N ALA B 2 9.48 21.06 -16.52
CA ALA B 2 9.82 22.09 -17.49
C ALA B 2 11.29 22.11 -17.76
N GLU B 3 12.08 22.28 -16.71
CA GLU B 3 13.50 22.32 -16.96
C GLU B 3 14.35 21.41 -16.08
N LYS B 4 14.26 21.58 -14.79
CA LYS B 4 15.04 20.79 -13.87
C LYS B 4 14.52 19.37 -13.61
N VAL B 5 15.40 18.58 -13.01
CA VAL B 5 15.09 17.22 -12.61
C VAL B 5 15.21 17.15 -11.11
N LEU B 6 14.12 16.77 -10.47
CA LEU B 6 14.14 16.64 -9.04
C LEU B 6 14.70 15.27 -8.68
N VAL B 7 15.63 15.21 -7.75
CA VAL B 7 16.18 13.94 -7.31
C VAL B 7 15.94 13.78 -5.83
N THR B 8 15.00 12.91 -5.43
CA THR B 8 14.75 12.70 -4.03
C THR B 8 15.77 11.71 -3.48
N GLY B 9 16.16 11.88 -2.22
CA GLY B 9 17.16 10.99 -1.60
C GLY B 9 18.48 11.04 -2.36
N GLY B 10 18.74 12.16 -3.03
CA GLY B 10 19.94 12.34 -3.83
C GLY B 10 21.27 12.33 -3.10
N ALA B 11 21.24 12.38 -1.79
CA ALA B 11 22.50 12.38 -1.06
C ALA B 11 22.96 10.94 -0.75
N GLY B 12 22.08 9.96 -1.02
CA GLY B 12 22.41 8.58 -0.72
C GLY B 12 23.39 7.95 -1.69
N TYR B 13 23.55 6.62 -1.53
CA TYR B 13 24.51 5.91 -2.37
C TYR B 13 24.24 5.98 -3.88
N ILE B 14 23.09 5.43 -4.30
CA ILE B 14 22.75 5.42 -5.70
C ILE B 14 22.44 6.82 -6.21
N GLY B 15 21.71 7.57 -5.35
CA GLY B 15 21.34 8.95 -5.69
C GLY B 15 22.53 9.88 -5.98
N SER B 16 23.55 9.86 -5.11
CA SER B 16 24.72 10.73 -5.32
C SER B 16 25.44 10.39 -6.61
N HIS B 17 25.54 9.08 -6.89
CA HIS B 17 26.16 8.70 -8.12
C HIS B 17 25.35 9.16 -9.35
N THR B 18 24.02 9.13 -9.19
CA THR B 18 23.15 9.53 -10.28
C THR B 18 23.21 11.05 -10.47
N VAL B 19 23.28 11.78 -9.35
CA VAL B 19 23.42 13.24 -9.42
C VAL B 19 24.68 13.59 -10.24
N LEU B 20 25.77 12.86 -9.98
CA LEU B 20 27.03 13.06 -10.70
C LEU B 20 26.82 12.82 -12.19
N GLU B 21 26.18 11.70 -12.52
CA GLU B 21 25.93 11.35 -13.93
C GLU B 21 25.06 12.41 -14.61
N LEU B 22 24.06 12.87 -13.86
CA LEU B 22 23.17 13.91 -14.40
C LEU B 22 23.94 15.17 -14.74
N LEU B 23 24.80 15.58 -13.82
CA LEU B 23 25.56 16.77 -14.03
C LEU B 23 26.47 16.63 -15.24
N GLU B 24 27.13 15.47 -15.35
CA GLU B 24 28.04 15.27 -16.48
C GLU B 24 27.33 15.16 -17.83
N ALA B 25 26.06 14.79 -17.78
CA ALA B 25 25.26 14.63 -18.99
C ALA B 25 24.60 15.96 -19.37
N GLY B 26 24.78 16.99 -18.57
CA GLY B 26 24.17 18.24 -18.95
C GLY B 26 22.80 18.54 -18.33
N TYR B 27 22.37 17.74 -17.37
CA TYR B 27 21.10 18.01 -16.73
C TYR B 27 21.31 18.92 -15.53
N LEU B 28 20.22 19.51 -15.05
CA LEU B 28 20.22 20.40 -13.89
C LEU B 28 19.36 19.75 -12.82
N PRO B 29 20.03 19.18 -11.86
CA PRO B 29 19.29 18.52 -10.83
C PRO B 29 19.04 19.43 -9.65
N VAL B 30 17.99 19.09 -8.94
CA VAL B 30 17.63 19.76 -7.71
C VAL B 30 17.51 18.58 -6.77
N VAL B 31 18.32 18.56 -5.73
CA VAL B 31 18.28 17.43 -4.85
C VAL B 31 17.70 17.73 -3.50
N ILE B 32 16.93 16.79 -2.99
CA ILE B 32 16.33 16.88 -1.67
C ILE B 32 16.70 15.63 -0.88
N ASP B 33 16.88 15.78 0.42
CA ASP B 33 17.22 14.69 1.32
C ASP B 33 17.02 15.17 2.74
N ASN B 34 16.68 14.26 3.65
CA ASN B 34 16.47 14.59 5.03
C ASN B 34 17.60 14.11 5.91
N PHE B 35 18.70 13.59 5.29
CA PHE B 35 19.87 13.10 6.04
C PHE B 35 19.58 11.89 6.89
N HIS B 36 18.45 11.22 6.70
CA HIS B 36 18.17 10.06 7.49
C HIS B 36 19.29 9.02 7.36
N ASN B 37 19.85 8.91 6.19
CA ASN B 37 20.93 7.95 5.93
C ASN B 37 22.02 8.58 5.07
N ALA B 38 22.35 9.83 5.37
CA ALA B 38 23.38 10.54 4.63
C ALA B 38 24.17 11.37 5.61
N PHE B 39 25.46 11.54 5.32
CA PHE B 39 26.33 12.28 6.18
C PHE B 39 26.40 13.74 5.83
N ARG B 40 26.29 14.55 6.85
CA ARG B 40 26.34 15.97 6.68
C ARG B 40 27.79 16.49 6.53
N GLY B 41 28.04 17.27 5.51
CA GLY B 41 29.39 17.81 5.34
C GLY B 41 29.58 19.00 6.27
N GLY B 42 30.65 19.77 6.07
CA GLY B 42 30.91 20.94 6.92
C GLY B 42 30.00 22.12 6.60
N GLY B 43 29.43 22.12 5.39
CA GLY B 43 28.54 23.17 4.93
C GLY B 43 27.08 22.73 4.86
N SER B 44 26.39 23.30 3.89
CA SER B 44 24.98 23.05 3.65
C SER B 44 24.78 21.67 3.04
N LEU B 45 25.59 21.34 2.04
CA LEU B 45 25.50 20.07 1.34
C LEU B 45 25.98 18.87 2.12
N PRO B 46 25.35 17.76 1.79
CA PRO B 46 25.72 16.46 2.37
C PRO B 46 27.13 16.21 1.79
N GLU B 47 27.99 15.56 2.57
CA GLU B 47 29.34 15.34 2.10
C GLU B 47 29.44 14.71 0.69
N SER B 48 28.59 13.71 0.43
CA SER B 48 28.61 13.05 -0.86
C SER B 48 28.41 14.01 -1.99
N LEU B 49 27.47 14.95 -1.79
CA LEU B 49 27.17 15.93 -2.82
C LEU B 49 28.24 17.01 -2.93
N ARG B 50 28.79 17.34 -1.77
CA ARG B 50 29.86 18.35 -1.77
C ARG B 50 30.99 17.78 -2.64
N ARG B 51 31.22 16.46 -2.48
CA ARG B 51 32.24 15.80 -3.28
C ARG B 51 31.83 15.72 -4.75
N VAL B 52 30.53 15.47 -5.01
CA VAL B 52 30.13 15.40 -6.39
C VAL B 52 30.38 16.74 -7.10
N GLN B 53 30.10 17.82 -6.34
CA GLN B 53 30.29 19.17 -6.85
C GLN B 53 31.76 19.38 -7.23
N GLU B 54 32.67 19.01 -6.32
CA GLU B 54 34.11 19.13 -6.56
C GLU B 54 34.52 18.27 -7.76
N LEU B 55 34.02 17.02 -7.84
CA LEU B 55 34.36 16.13 -8.93
C LEU B 55 33.87 16.60 -10.28
N THR B 56 32.69 17.20 -10.33
CA THR B 56 32.19 17.60 -11.64
C THR B 56 32.48 19.02 -11.99
N GLY B 57 32.80 19.78 -10.95
CA GLY B 57 33.05 21.18 -11.16
C GLY B 57 31.74 21.92 -11.49
N ARG B 58 30.60 21.29 -11.19
CA ARG B 58 29.28 21.87 -11.44
C ARG B 58 28.59 22.02 -10.13
N SER B 59 27.71 23.00 -10.02
CA SER B 59 27.06 23.19 -8.73
C SER B 59 25.89 22.28 -8.46
N VAL B 60 25.73 21.94 -7.18
CA VAL B 60 24.64 21.09 -6.78
C VAL B 60 23.60 21.93 -6.05
N GLU B 61 22.38 21.93 -6.59
CA GLU B 61 21.28 22.68 -5.98
C GLU B 61 20.61 21.69 -5.05
N PHE B 62 20.61 22.01 -3.77
CA PHE B 62 20.08 21.17 -2.72
C PHE B 62 19.19 21.84 -1.71
N GLU B 63 18.22 21.09 -1.21
CA GLU B 63 17.30 21.57 -0.20
C GLU B 63 17.10 20.48 0.86
N GLU B 64 17.44 20.75 2.12
CA GLU B 64 17.22 19.75 3.14
C GLU B 64 15.73 19.69 3.46
N MET B 65 15.09 18.54 3.23
CA MET B 65 13.66 18.41 3.52
C MET B 65 13.23 16.96 3.48
N ASP B 66 12.06 16.71 4.04
CA ASP B 66 11.49 15.40 4.09
C ASP B 66 10.33 15.22 3.10
N ILE B 67 10.30 14.11 2.35
CA ILE B 67 9.19 13.92 1.43
C ILE B 67 7.85 13.85 2.15
N LEU B 68 7.85 13.55 3.44
CA LEU B 68 6.61 13.46 4.22
C LEU B 68 6.07 14.83 4.62
N ASP B 69 6.80 15.86 4.30
CA ASP B 69 6.35 17.19 4.66
C ASP B 69 5.63 17.85 3.49
N GLN B 70 4.28 17.80 3.51
CA GLN B 70 3.50 18.42 2.44
C GLN B 70 3.80 19.88 2.20
N GLY B 71 3.97 20.63 3.30
CA GLY B 71 4.26 22.03 3.18
C GLY B 71 5.55 22.28 2.42
N ALA B 72 6.60 21.54 2.77
CA ALA B 72 7.88 21.70 2.09
C ALA B 72 7.82 21.30 0.61
N LEU B 73 7.04 20.23 0.32
CA LEU B 73 6.87 19.77 -1.07
C LEU B 73 6.22 20.86 -1.91
N GLN B 74 5.17 21.48 -1.30
CA GLN B 74 4.45 22.56 -1.97
C GLN B 74 5.39 23.72 -2.27
N ARG B 75 6.16 24.11 -1.26
CA ARG B 75 7.10 25.20 -1.51
C ARG B 75 8.11 24.83 -2.58
N LEU B 76 8.60 23.59 -2.51
CA LEU B 76 9.59 23.17 -3.48
C LEU B 76 9.13 23.24 -4.94
N PHE B 77 7.93 22.72 -5.16
CA PHE B 77 7.33 22.68 -6.49
C PHE B 77 6.92 24.05 -7.02
N LYS B 78 6.78 25.00 -6.08
CA LYS B 78 6.46 26.36 -6.48
C LYS B 78 7.76 27.06 -6.86
N LYS B 79 8.80 26.76 -6.10
CA LYS B 79 10.13 27.36 -6.34
C LYS B 79 10.79 26.97 -7.65
N TYR B 80 10.72 25.69 -7.99
CA TYR B 80 11.32 25.21 -9.22
C TYR B 80 10.29 24.66 -10.18
N SER B 81 10.72 24.65 -11.43
CA SER B 81 9.92 24.13 -12.52
C SER B 81 10.56 22.82 -12.92
N PHE B 82 9.98 21.72 -12.49
CA PHE B 82 10.60 20.48 -12.84
C PHE B 82 10.00 19.85 -14.06
N MET B 83 10.80 19.06 -14.78
CA MET B 83 10.30 18.37 -15.95
C MET B 83 10.17 16.86 -15.62
N ALA B 84 10.85 16.43 -14.55
CA ALA B 84 10.84 15.02 -14.12
C ALA B 84 11.37 14.85 -12.71
N VAL B 85 11.03 13.73 -12.10
CA VAL B 85 11.45 13.41 -10.76
C VAL B 85 12.03 11.99 -10.75
N ILE B 86 13.20 11.85 -10.13
CA ILE B 86 13.84 10.56 -9.94
C ILE B 86 13.71 10.34 -8.44
N HIS B 87 12.98 9.32 -8.08
CA HIS B 87 12.68 9.06 -6.70
C HIS B 87 13.45 7.97 -5.97
N PHE B 88 14.54 8.36 -5.29
CA PHE B 88 15.35 7.43 -4.52
C PHE B 88 15.03 7.41 -3.03
N ALA B 89 14.45 8.50 -2.50
CA ALA B 89 14.17 8.58 -1.08
C ALA B 89 13.31 7.47 -0.55
N GLY B 90 13.75 6.88 0.56
CA GLY B 90 13.02 5.79 1.16
C GLY B 90 13.90 5.10 2.19
N LEU B 91 13.28 4.18 2.86
CA LEU B 91 13.97 3.42 3.87
C LEU B 91 14.37 2.09 3.24
N LYS B 92 15.60 1.68 3.49
CA LYS B 92 15.98 0.39 2.97
C LYS B 92 16.17 -0.51 4.14
N ALA B 93 16.34 -1.78 3.87
CA ALA B 93 16.48 -2.53 5.07
C ALA B 93 17.88 -2.83 5.45
N MET B 94 18.00 -2.63 6.74
CA MET B 94 19.17 -2.88 7.47
C MET B 94 18.73 -4.15 8.22
N GLY B 95 17.92 -4.94 7.47
CA GLY B 95 17.30 -6.21 7.88
C GLY B 95 16.20 -5.92 8.92
N GLU B 96 15.93 -4.61 9.02
CA GLU B 96 14.99 -3.90 9.91
C GLU B 96 13.50 -3.98 9.61
N SER B 97 13.18 -3.92 8.32
CA SER B 97 11.80 -3.95 7.84
C SER B 97 10.86 -4.91 8.56
N VAL B 98 11.32 -6.14 8.73
CA VAL B 98 10.48 -7.11 9.39
C VAL B 98 10.03 -6.68 10.78
N GLN B 99 10.91 -5.98 11.48
CA GLN B 99 10.61 -5.52 12.83
C GLN B 99 9.99 -4.13 12.95
N LYS B 100 10.00 -3.32 11.88
CA LYS B 100 9.41 -1.98 12.04
C LYS B 100 8.58 -1.53 10.85
N PRO B 101 7.62 -2.39 10.54
CA PRO B 101 6.71 -2.22 9.44
C PRO B 101 6.19 -0.81 9.18
N LEU B 102 5.70 -0.15 10.24
CA LEU B 102 5.13 1.19 10.17
C LEU B 102 6.09 2.23 9.64
N ASP B 103 7.36 2.12 10.01
CA ASP B 103 8.32 3.10 9.54
C ASP B 103 8.47 2.96 8.05
N TYR B 104 8.51 1.71 7.60
CA TYR B 104 8.63 1.44 6.18
C TYR B 104 7.41 1.91 5.38
N TYR B 105 6.23 1.55 5.89
CA TYR B 105 5.01 1.93 5.23
C TYR B 105 4.85 3.46 5.23
N ARG B 106 5.18 4.08 6.35
CA ARG B 106 5.07 5.54 6.36
C ARG B 106 6.00 6.22 5.34
N VAL B 107 7.30 5.98 5.46
CA VAL B 107 8.26 6.61 4.56
C VAL B 107 8.14 6.19 3.11
N ASN B 108 8.07 4.89 2.87
CA ASN B 108 8.00 4.43 1.51
C ASN B 108 6.63 4.60 0.88
N LEU B 109 5.57 4.20 1.60
CA LEU B 109 4.23 4.33 1.01
C LEU B 109 3.67 5.73 1.08
N THR B 110 3.48 6.24 2.32
CA THR B 110 2.92 7.60 2.44
C THR B 110 3.82 8.61 1.77
N GLY B 111 5.13 8.49 1.94
CA GLY B 111 6.02 9.47 1.30
C GLY B 111 5.90 9.47 -0.21
N THR B 112 5.83 8.25 -0.81
CA THR B 112 5.69 8.18 -2.26
C THR B 112 4.32 8.73 -2.72
N ILE B 113 3.27 8.39 -1.99
CA ILE B 113 1.97 8.91 -2.38
C ILE B 113 1.95 10.43 -2.30
N GLN B 114 2.51 11.01 -1.23
CA GLN B 114 2.55 12.47 -1.13
C GLN B 114 3.29 13.08 -2.32
N LEU B 115 4.40 12.42 -2.72
CA LEU B 115 5.16 12.89 -3.84
C LEU B 115 4.35 12.83 -5.14
N LEU B 116 3.68 11.72 -5.33
CA LEU B 116 2.89 11.56 -6.51
C LEU B 116 1.80 12.64 -6.55
N GLU B 117 1.21 12.92 -5.38
CA GLU B 117 0.15 13.94 -5.37
C GLU B 117 0.61 15.34 -5.74
N ILE B 118 1.79 15.70 -5.27
CA ILE B 118 2.33 17.00 -5.58
C ILE B 118 2.71 17.07 -7.02
N MET B 119 3.30 15.97 -7.52
CA MET B 119 3.66 15.95 -8.93
C MET B 119 2.44 16.20 -9.82
N LYS B 120 1.37 15.48 -9.49
CA LYS B 120 0.11 15.59 -10.19
C LYS B 120 -0.39 17.03 -10.11
N ALA B 121 -0.42 17.57 -8.88
CA ALA B 121 -0.91 18.93 -8.69
C ALA B 121 -0.22 19.95 -9.55
N HIS B 122 1.10 19.77 -9.71
CA HIS B 122 1.95 20.66 -10.45
C HIS B 122 2.18 20.33 -11.90
N GLY B 123 1.51 19.29 -12.34
CA GLY B 123 1.62 18.87 -13.71
C GLY B 123 2.97 18.30 -14.08
N VAL B 124 3.70 17.74 -13.09
CA VAL B 124 5.02 17.16 -13.39
C VAL B 124 4.78 15.64 -13.43
N LYS B 125 4.25 15.10 -14.54
CA LYS B 125 3.87 13.69 -14.62
C LYS B 125 4.89 12.74 -15.27
N ASN B 126 6.15 12.88 -14.85
CA ASN B 126 7.27 12.12 -15.37
C ASN B 126 8.11 11.68 -14.22
N LEU B 127 8.10 10.37 -13.99
CA LEU B 127 8.82 9.83 -12.88
C LEU B 127 9.71 8.63 -13.22
N VAL B 128 10.81 8.56 -12.47
CA VAL B 128 11.75 7.41 -12.54
C VAL B 128 11.75 6.92 -11.11
N PHE B 129 11.39 5.65 -10.89
CA PHE B 129 11.31 5.11 -9.53
C PHE B 129 12.29 3.99 -9.22
N SER B 130 12.88 4.06 -8.02
CA SER B 130 13.81 3.05 -7.51
C SER B 130 13.06 1.83 -7.01
N SER B 131 12.96 0.82 -7.88
CA SER B 131 12.31 -0.42 -7.50
C SER B 131 13.43 -1.45 -7.20
N SER B 132 13.07 -2.74 -7.09
CA SER B 132 14.06 -3.74 -6.76
C SER B 132 13.67 -5.13 -7.20
N ALA B 133 14.69 -5.95 -7.46
CA ALA B 133 14.43 -7.34 -7.86
C ALA B 133 13.70 -8.11 -6.76
N THR B 134 13.65 -7.56 -5.55
CA THR B 134 12.97 -8.24 -4.46
C THR B 134 11.47 -8.39 -4.75
N VAL B 135 10.94 -7.55 -5.66
CA VAL B 135 9.52 -7.62 -6.01
C VAL B 135 9.16 -8.95 -6.67
N TYR B 136 10.15 -9.65 -7.22
CA TYR B 136 9.86 -10.93 -7.87
C TYR B 136 9.64 -12.05 -6.87
N GLY B 137 10.03 -11.82 -5.62
CA GLY B 137 9.88 -12.83 -4.59
C GLY B 137 10.87 -13.94 -4.84
N ASN B 138 10.64 -15.11 -4.26
CA ASN B 138 11.55 -16.24 -4.45
C ASN B 138 11.49 -16.65 -5.91
N PRO B 139 12.62 -16.63 -6.60
CA PRO B 139 12.60 -16.93 -8.02
C PRO B 139 11.96 -18.26 -8.44
N GLN B 140 11.10 -18.14 -9.44
CA GLN B 140 10.43 -19.33 -9.95
C GLN B 140 11.25 -19.97 -11.05
N TYR B 141 12.05 -19.10 -11.68
CA TYR B 141 12.98 -19.41 -12.76
C TYR B 141 14.04 -18.34 -12.84
N LEU B 142 15.17 -18.67 -13.46
CA LEU B 142 16.31 -17.77 -13.61
C LEU B 142 16.85 -17.90 -15.02
N PRO B 143 17.28 -16.79 -15.62
CA PRO B 143 17.28 -15.43 -15.04
C PRO B 143 15.89 -14.80 -14.94
N LEU B 144 15.77 -13.76 -14.11
CA LEU B 144 14.51 -13.08 -13.91
C LEU B 144 14.24 -12.07 -14.98
N ASP B 145 13.14 -12.26 -15.71
CA ASP B 145 12.74 -11.30 -16.71
C ASP B 145 11.57 -10.47 -16.11
N GLU B 146 11.24 -9.36 -16.76
CA GLU B 146 10.20 -8.48 -16.26
C GLU B 146 8.86 -9.19 -16.19
N ALA B 147 8.68 -10.23 -16.99
CA ALA B 147 7.44 -10.99 -16.99
C ALA B 147 7.30 -12.01 -15.87
N HIS B 148 8.34 -12.20 -15.05
CA HIS B 148 8.23 -13.13 -13.95
C HIS B 148 7.19 -12.60 -12.96
N PRO B 149 6.47 -13.45 -12.27
CA PRO B 149 5.48 -12.95 -11.32
C PRO B 149 6.07 -12.02 -10.25
N THR B 150 5.24 -11.06 -9.81
CA THR B 150 5.70 -10.15 -8.77
C THR B 150 4.69 -10.08 -7.67
N GLY B 151 5.11 -9.69 -6.49
CA GLY B 151 4.20 -9.61 -5.36
C GLY B 151 4.41 -10.82 -4.50
N GLY B 152 3.71 -10.87 -3.39
CA GLY B 152 3.92 -12.02 -2.53
C GLY B 152 5.37 -11.97 -2.07
N CYS B 153 5.77 -10.77 -1.67
CA CYS B 153 7.12 -10.56 -1.20
C CYS B 153 7.19 -10.98 0.25
N THR B 154 8.39 -11.36 0.61
CA THR B 154 8.62 -11.82 1.96
C THR B 154 8.63 -10.71 3.02
N ASN B 155 9.10 -9.51 2.65
CA ASN B 155 9.17 -8.47 3.67
C ASN B 155 8.47 -7.13 3.42
N PRO B 156 8.27 -6.43 4.54
CA PRO B 156 7.63 -5.13 4.51
C PRO B 156 8.33 -4.21 3.54
N TYR B 157 9.65 -4.33 3.48
CA TYR B 157 10.40 -3.50 2.55
C TYR B 157 10.08 -3.88 1.13
N GLY B 158 10.22 -5.17 0.80
CA GLY B 158 9.95 -5.60 -0.56
C GLY B 158 8.47 -5.39 -0.91
N LYS B 159 7.60 -5.60 0.06
CA LYS B 159 6.18 -5.42 -0.17
C LYS B 159 5.92 -3.98 -0.52
N SER B 160 6.56 -3.10 0.24
CA SER B 160 6.44 -1.69 0.00
C SER B 160 6.81 -1.35 -1.44
N LYS B 161 7.90 -1.95 -1.95
CA LYS B 161 8.31 -1.68 -3.33
C LYS B 161 7.25 -2.13 -4.36
N PHE B 162 6.71 -3.33 -4.15
CA PHE B 162 5.71 -3.89 -5.04
C PHE B 162 4.43 -3.06 -4.96
N PHE B 163 4.01 -2.69 -3.75
CA PHE B 163 2.81 -1.85 -3.62
C PHE B 163 2.99 -0.54 -4.39
N ILE B 164 4.19 0.08 -4.28
CA ILE B 164 4.43 1.32 -5.01
C ILE B 164 4.35 1.11 -6.51
N GLU B 165 4.94 0.02 -7.02
CA GLU B 165 4.84 -0.25 -8.45
C GLU B 165 3.36 -0.33 -8.88
N GLU B 166 2.58 -1.03 -8.07
CA GLU B 166 1.18 -1.22 -8.39
C GLU B 166 0.43 0.12 -8.42
N MET B 167 0.73 0.98 -7.42
CA MET B 167 0.08 2.29 -7.39
C MET B 167 0.41 3.09 -8.63
N ILE B 168 1.67 3.04 -9.05
CA ILE B 168 2.10 3.79 -10.21
C ILE B 168 1.45 3.26 -11.46
N ARG B 169 1.33 1.94 -11.52
CA ARG B 169 0.67 1.37 -12.71
C ARG B 169 -0.76 1.91 -12.82
N ASP B 170 -1.44 1.93 -11.66
CA ASP B 170 -2.83 2.41 -11.58
C ASP B 170 -2.92 3.85 -12.03
N LEU B 171 -1.98 4.64 -11.55
CA LEU B 171 -1.99 6.05 -11.90
C LEU B 171 -1.84 6.23 -13.40
N CYS B 172 -0.91 5.48 -14.00
CA CYS B 172 -0.69 5.59 -15.44
C CYS B 172 -1.91 5.15 -16.22
N GLN B 173 -2.61 4.17 -15.69
CA GLN B 173 -3.81 3.68 -16.33
C GLN B 173 -4.87 4.78 -16.36
N ALA B 174 -5.06 5.38 -15.19
CA ALA B 174 -6.04 6.41 -15.00
C ALA B 174 -5.76 7.65 -15.77
N ASP B 175 -4.51 8.02 -15.92
CA ASP B 175 -4.16 9.24 -16.63
C ASP B 175 -3.06 8.94 -17.62
N LYS B 176 -3.46 8.87 -18.86
CA LYS B 176 -2.57 8.55 -19.93
C LYS B 176 -1.46 9.54 -20.18
N THR B 177 -1.52 10.69 -19.54
CA THR B 177 -0.49 11.69 -19.72
C THR B 177 0.77 11.39 -18.90
N TRP B 178 0.60 10.56 -17.88
CA TRP B 178 1.74 10.20 -17.04
C TRP B 178 2.71 9.25 -17.76
N ASN B 179 3.98 9.42 -17.45
CA ASN B 179 5.06 8.58 -17.94
C ASN B 179 5.82 8.16 -16.70
N VAL B 180 6.08 6.86 -16.56
CA VAL B 180 6.80 6.38 -15.40
C VAL B 180 7.69 5.20 -15.79
N VAL B 181 8.93 5.27 -15.35
CA VAL B 181 9.87 4.18 -15.58
C VAL B 181 10.19 3.59 -14.25
N LEU B 182 9.84 2.32 -14.07
CA LEU B 182 10.11 1.62 -12.85
C LEU B 182 11.37 0.76 -13.06
N LEU B 183 12.42 1.05 -12.29
CA LEU B 183 13.72 0.37 -12.40
C LEU B 183 13.94 -0.62 -11.31
N ARG B 184 13.96 -1.92 -11.67
CA ARG B 184 14.18 -2.96 -10.68
C ARG B 184 15.68 -3.25 -10.55
N TYR B 185 16.30 -2.62 -9.57
CA TYR B 185 17.73 -2.82 -9.40
C TYR B 185 18.02 -4.18 -8.84
N PHE B 186 19.17 -4.72 -9.22
CA PHE B 186 19.55 -5.98 -8.66
C PHE B 186 20.45 -5.70 -7.46
N ASN B 187 21.75 -6.04 -7.44
CA ASN B 187 22.56 -5.77 -6.25
C ASN B 187 23.63 -4.75 -6.51
N PRO B 188 23.33 -3.49 -6.26
CA PRO B 188 24.27 -2.41 -6.52
C PRO B 188 25.55 -2.47 -5.70
N THR B 189 26.68 -2.28 -6.41
CA THR B 189 27.96 -2.30 -5.73
C THR B 189 28.94 -1.45 -6.47
N GLY B 190 30.13 -1.32 -5.88
CA GLY B 190 31.13 -0.50 -6.56
C GLY B 190 31.03 0.93 -6.09
N ALA B 191 31.72 1.81 -6.83
CA ALA B 191 31.79 3.23 -6.53
C ALA B 191 32.38 3.98 -7.71
N HIS B 192 32.19 5.29 -7.71
CA HIS B 192 32.72 6.15 -8.73
C HIS B 192 34.23 5.91 -8.79
N ALA B 193 34.77 5.91 -10.02
CA ALA B 193 36.19 5.64 -10.24
C ALA B 193 37.17 6.51 -9.50
N SER B 194 36.68 7.66 -9.03
CA SER B 194 37.55 8.58 -8.32
C SER B 194 37.95 8.06 -6.95
N GLY B 195 37.08 7.23 -6.41
CA GLY B 195 37.32 6.71 -5.08
C GLY B 195 36.85 7.74 -4.04
N CYS B 196 36.30 8.87 -4.50
CA CYS B 196 35.84 9.93 -3.56
C CYS B 196 34.47 9.75 -2.92
N ILE B 197 33.61 8.95 -3.55
CA ILE B 197 32.29 8.71 -3.01
C ILE B 197 32.03 7.22 -3.11
N GLY B 198 31.09 6.70 -2.33
CA GLY B 198 30.74 5.29 -2.35
C GLY B 198 29.71 5.04 -1.27
N GLU B 199 29.33 3.78 -1.04
CA GLU B 199 28.36 3.45 -0.01
C GLU B 199 28.97 3.71 1.34
N ASP B 200 28.22 4.41 2.20
CA ASP B 200 28.66 4.82 3.53
C ASP B 200 27.78 4.30 4.68
N PRO B 201 27.75 2.98 4.85
CA PRO B 201 26.93 2.41 5.90
C PRO B 201 27.35 2.81 7.30
N GLN B 202 26.36 2.90 8.17
CA GLN B 202 26.64 3.24 9.55
C GLN B 202 26.54 1.95 10.37
N GLY B 203 27.51 1.64 11.21
CA GLY B 203 27.41 0.41 11.99
C GLY B 203 27.77 -0.83 11.18
N ILE B 204 27.38 -1.98 11.69
CA ILE B 204 27.66 -3.23 11.04
C ILE B 204 26.87 -3.35 9.75
N PRO B 205 27.52 -3.43 8.60
CA PRO B 205 26.79 -3.54 7.33
C PRO B 205 25.95 -4.78 7.21
N ASN B 206 24.77 -4.60 6.63
CA ASN B 206 23.84 -5.69 6.42
C ASN B 206 24.06 -6.42 5.08
N ASN B 207 24.59 -5.68 4.11
CA ASN B 207 24.86 -6.14 2.77
C ASN B 207 26.26 -6.74 2.68
N LEU B 208 26.42 -7.65 1.71
CA LEU B 208 27.69 -8.32 1.57
C LEU B 208 28.94 -7.49 1.31
N MET B 209 28.94 -6.75 0.22
CA MET B 209 30.10 -6.02 -0.21
C MET B 209 30.74 -5.10 0.80
N PRO B 210 29.97 -4.29 1.48
CA PRO B 210 30.58 -3.41 2.44
C PRO B 210 31.14 -4.21 3.58
N TYR B 211 30.49 -5.33 3.89
CA TYR B 211 31.04 -6.13 4.96
C TYR B 211 32.39 -6.69 4.52
N VAL B 212 32.42 -7.20 3.30
CA VAL B 212 33.63 -7.76 2.74
C VAL B 212 34.73 -6.71 2.74
N SER B 213 34.43 -5.53 2.21
CA SER B 213 35.47 -4.48 2.18
C SER B 213 35.95 -4.11 3.57
N GLN B 214 35.06 -4.14 4.55
CA GLN B 214 35.42 -3.81 5.91
C GLN B 214 36.34 -4.87 6.52
N VAL B 215 36.18 -6.12 6.09
CA VAL B 215 37.06 -7.16 6.63
C VAL B 215 38.41 -6.92 6.01
N ALA B 216 38.46 -6.61 4.70
CA ALA B 216 39.73 -6.38 4.02
C ALA B 216 40.53 -5.24 4.59
N ILE B 217 39.85 -4.13 4.91
CA ILE B 217 40.52 -2.96 5.46
C ILE B 217 40.93 -3.15 6.90
N GLY B 218 40.37 -4.20 7.52
CA GLY B 218 40.66 -4.57 8.89
C GLY B 218 39.69 -4.08 9.94
N ARG B 219 38.57 -3.55 9.52
CA ARG B 219 37.59 -3.08 10.47
C ARG B 219 36.80 -4.23 11.10
N ARG B 220 36.69 -5.34 10.35
CA ARG B 220 36.00 -6.54 10.81
C ARG B 220 36.96 -7.73 10.75
N GLU B 221 36.82 -8.63 11.72
CA GLU B 221 37.66 -9.79 11.78
C GLU B 221 37.50 -10.74 10.61
N ALA B 222 36.25 -11.14 10.38
CA ALA B 222 35.97 -12.08 9.31
C ALA B 222 34.54 -11.97 8.84
N LEU B 223 34.36 -12.39 7.61
CA LEU B 223 33.06 -12.39 7.03
C LEU B 223 32.22 -13.58 7.46
N ASN B 224 30.98 -13.32 7.84
CA ASN B 224 30.10 -14.43 8.17
C ASN B 224 29.33 -14.73 6.89
N VAL B 225 29.46 -15.96 6.36
CA VAL B 225 28.80 -16.44 5.13
C VAL B 225 27.52 -17.15 5.57
N PHE B 226 26.40 -16.55 5.14
CA PHE B 226 25.08 -17.05 5.49
C PHE B 226 24.66 -18.29 4.74
N GLY B 227 25.23 -19.43 5.17
CA GLY B 227 24.96 -20.75 4.62
C GLY B 227 25.79 -21.14 3.40
N ASN B 228 26.11 -22.44 3.31
CA ASN B 228 26.87 -22.91 2.16
C ASN B 228 26.24 -24.15 1.61
N ASP B 229 24.94 -24.27 1.87
CA ASP B 229 24.22 -25.44 1.41
C ASP B 229 23.09 -25.17 0.44
N TYR B 230 23.20 -24.08 -0.31
CA TYR B 230 22.12 -23.83 -1.27
C TYR B 230 22.46 -24.63 -2.50
N ASP B 231 21.47 -24.67 -3.41
CA ASP B 231 21.55 -25.36 -4.70
C ASP B 231 22.20 -24.41 -5.73
N THR B 232 23.42 -23.99 -5.42
CA THR B 232 24.22 -23.11 -6.29
C THR B 232 25.48 -23.88 -6.56
N GLU B 233 26.22 -23.49 -7.57
CA GLU B 233 27.43 -24.23 -7.86
C GLU B 233 28.37 -24.40 -6.68
N ASP B 234 28.43 -23.43 -5.79
CA ASP B 234 29.32 -23.57 -4.65
C ASP B 234 28.62 -23.64 -3.30
N GLY B 235 27.30 -23.67 -3.31
CA GLY B 235 26.56 -23.74 -2.05
C GLY B 235 26.26 -22.39 -1.40
N THR B 236 26.96 -21.35 -1.83
CA THR B 236 26.70 -20.03 -1.26
C THR B 236 25.75 -19.25 -2.19
N GLY B 237 25.08 -18.22 -1.65
CA GLY B 237 24.12 -17.40 -2.38
C GLY B 237 24.75 -16.73 -3.58
N VAL B 238 23.96 -16.66 -4.64
CA VAL B 238 24.39 -16.06 -5.89
C VAL B 238 23.56 -14.81 -6.18
N ARG B 239 24.22 -13.73 -6.58
CA ARG B 239 23.51 -12.46 -6.88
C ARG B 239 24.10 -11.78 -8.11
N ASP B 240 23.28 -10.92 -8.72
CA ASP B 240 23.67 -10.15 -9.89
C ASP B 240 24.18 -8.81 -9.36
N TYR B 241 25.48 -8.72 -9.14
CA TYR B 241 26.12 -7.51 -8.63
C TYR B 241 26.22 -6.56 -9.79
N ILE B 242 25.75 -5.32 -9.63
CA ILE B 242 25.81 -4.35 -10.71
C ILE B 242 26.52 -3.08 -10.24
N HIS B 243 27.43 -2.56 -11.06
CA HIS B 243 28.18 -1.37 -10.67
C HIS B 243 27.28 -0.16 -10.58
N VAL B 244 27.37 0.53 -9.45
CA VAL B 244 26.54 1.71 -9.22
C VAL B 244 26.66 2.76 -10.31
N VAL B 245 27.80 2.83 -11.01
CA VAL B 245 27.95 3.81 -12.07
C VAL B 245 27.08 3.43 -13.25
N ASP B 246 27.03 2.14 -13.57
CA ASP B 246 26.19 1.73 -14.67
C ASP B 246 24.71 1.97 -14.26
N LEU B 247 24.39 1.60 -13.01
CA LEU B 247 23.03 1.80 -12.50
C LEU B 247 22.63 3.29 -12.67
N ALA B 248 23.52 4.19 -12.25
CA ALA B 248 23.26 5.62 -12.37
C ALA B 248 23.04 5.99 -13.83
N LYS B 249 23.88 5.50 -14.72
CA LYS B 249 23.68 5.79 -16.13
C LYS B 249 22.32 5.28 -16.66
N GLY B 250 21.82 4.20 -16.05
CA GLY B 250 20.52 3.64 -16.48
C GLY B 250 19.40 4.63 -16.23
N HIS B 251 19.58 5.50 -15.25
CA HIS B 251 18.60 6.51 -14.88
C HIS B 251 18.53 7.59 -15.93
N ILE B 252 19.64 7.83 -16.60
CA ILE B 252 19.65 8.83 -17.63
C ILE B 252 18.95 8.24 -18.82
N ALA B 253 19.16 6.93 -19.04
CA ALA B 253 18.48 6.31 -20.15
C ALA B 253 16.97 6.33 -19.84
N ALA B 254 16.59 6.15 -18.58
CA ALA B 254 15.16 6.22 -18.21
C ALA B 254 14.57 7.62 -18.51
N LEU B 255 15.36 8.64 -18.25
CA LEU B 255 14.90 10.01 -18.51
C LEU B 255 14.58 10.17 -19.97
N ARG B 256 15.47 9.69 -20.83
CA ARG B 256 15.25 9.80 -22.25
C ARG B 256 14.01 9.02 -22.61
N LYS B 257 13.79 7.88 -21.95
CA LYS B 257 12.62 7.08 -22.24
C LYS B 257 11.33 7.86 -21.94
N LEU B 258 11.29 8.60 -20.82
CA LEU B 258 10.11 9.39 -20.47
C LEU B 258 9.77 10.36 -21.61
N LYS B 259 10.82 10.93 -22.26
CA LYS B 259 10.59 11.86 -23.36
C LYS B 259 9.81 11.24 -24.51
N GLU B 260 9.80 9.91 -24.61
CA GLU B 260 9.07 9.26 -25.69
C GLU B 260 7.57 9.21 -25.41
N GLN B 261 7.19 9.65 -24.21
CA GLN B 261 5.81 9.63 -23.76
C GLN B 261 5.41 8.17 -23.72
N CYS B 262 6.25 7.39 -23.06
CA CYS B 262 6.11 5.96 -22.93
C CYS B 262 5.07 5.39 -21.99
N GLY B 263 4.41 6.19 -21.15
CA GLY B 263 3.44 5.62 -20.23
C GLY B 263 4.22 4.90 -19.14
N CYS B 264 3.70 3.82 -18.59
CA CYS B 264 4.37 3.07 -17.57
C CYS B 264 5.22 1.93 -18.19
N ARG B 265 6.53 1.94 -17.93
CA ARG B 265 7.48 0.92 -18.40
C ARG B 265 8.28 0.41 -17.22
N ILE B 266 8.65 -0.88 -17.26
CA ILE B 266 9.39 -1.50 -16.17
C ILE B 266 10.59 -2.22 -16.69
N TYR B 267 11.74 -1.97 -16.08
CA TYR B 267 12.96 -2.60 -16.54
C TYR B 267 13.85 -3.04 -15.43
N ASN B 268 14.48 -4.18 -15.66
CA ASN B 268 15.45 -4.65 -14.70
C ASN B 268 16.74 -3.89 -14.96
N LEU B 269 17.49 -3.62 -13.89
CA LEU B 269 18.79 -2.98 -14.04
C LEU B 269 19.77 -3.98 -13.38
N GLY B 270 20.36 -4.88 -14.18
CA GLY B 270 21.31 -5.91 -13.71
C GLY B 270 22.31 -6.22 -14.83
N THR B 271 23.31 -7.05 -14.54
CA THR B 271 24.29 -7.39 -15.58
C THR B 271 23.95 -8.66 -16.32
N GLY B 272 23.19 -9.49 -15.63
CA GLY B 272 22.81 -10.77 -16.19
C GLY B 272 23.78 -11.86 -15.74
N THR B 273 24.80 -11.47 -14.99
CA THR B 273 25.77 -12.42 -14.50
C THR B 273 25.69 -12.52 -13.01
N GLY B 274 25.52 -13.73 -12.49
CA GLY B 274 25.45 -13.90 -11.04
C GLY B 274 26.80 -14.41 -10.48
N TYR B 275 27.14 -14.00 -9.26
CA TYR B 275 28.37 -14.41 -8.60
C TYR B 275 28.03 -14.86 -7.19
N SER B 276 28.73 -15.88 -6.69
CA SER B 276 28.48 -16.37 -5.35
C SER B 276 29.24 -15.57 -4.28
N VAL B 277 28.87 -15.77 -3.02
CA VAL B 277 29.51 -15.08 -1.90
C VAL B 277 31.03 -15.31 -1.98
N LEU B 278 31.45 -16.57 -2.15
CA LEU B 278 32.88 -16.90 -2.25
C LEU B 278 33.57 -16.28 -3.45
N GLN B 279 32.90 -16.19 -4.61
CA GLN B 279 33.51 -15.57 -5.76
C GLN B 279 33.75 -14.10 -5.48
N MET B 280 32.79 -13.48 -4.76
CA MET B 280 32.96 -12.06 -4.43
C MET B 280 34.14 -11.87 -3.47
N VAL B 281 34.26 -12.77 -2.51
CA VAL B 281 35.34 -12.68 -1.55
C VAL B 281 36.67 -12.80 -2.29
N GLN B 282 36.74 -13.76 -3.17
CA GLN B 282 37.99 -13.95 -3.89
C GLN B 282 38.35 -12.76 -4.72
N ALA B 283 37.35 -12.23 -5.45
CA ALA B 283 37.62 -11.07 -6.29
C ALA B 283 38.06 -9.86 -5.46
N MET B 284 37.55 -9.78 -4.24
CA MET B 284 37.93 -8.70 -3.37
C MET B 284 39.34 -8.90 -2.86
N GLU B 285 39.75 -10.14 -2.70
CA GLU B 285 41.11 -10.39 -2.24
C GLU B 285 42.07 -9.95 -3.35
N LYS B 286 41.67 -10.25 -4.58
CA LYS B 286 42.49 -9.86 -5.69
C LYS B 286 42.57 -8.37 -5.79
N ALA B 287 41.41 -7.70 -5.73
CA ALA B 287 41.41 -6.25 -5.82
C ALA B 287 42.17 -5.55 -4.70
N SER B 288 41.98 -5.98 -3.45
CA SER B 288 42.60 -5.32 -2.32
C SER B 288 44.01 -5.73 -1.92
N GLY B 289 44.42 -6.91 -2.34
CA GLY B 289 45.74 -7.39 -1.94
C GLY B 289 45.75 -7.81 -0.46
N LYS B 290 44.55 -7.93 0.15
CA LYS B 290 44.38 -8.32 1.53
C LYS B 290 43.71 -9.66 1.63
N LYS B 291 43.84 -10.30 2.79
CA LYS B 291 43.17 -11.57 2.99
C LYS B 291 41.86 -11.22 3.63
N ILE B 292 40.85 -12.01 3.29
CA ILE B 292 39.51 -11.81 3.79
C ILE B 292 39.02 -13.10 4.37
N PRO B 293 39.32 -13.34 5.64
CA PRO B 293 38.90 -14.55 6.31
C PRO B 293 37.39 -14.59 6.39
N TYR B 294 36.84 -15.80 6.42
CA TYR B 294 35.41 -16.02 6.47
C TYR B 294 35.05 -17.26 7.27
N LYS B 295 33.82 -17.28 7.78
CA LYS B 295 33.27 -18.38 8.55
C LYS B 295 31.87 -18.69 8.04
N VAL B 296 31.57 -19.96 7.84
CA VAL B 296 30.27 -20.32 7.36
C VAL B 296 29.32 -20.48 8.52
N VAL B 297 28.22 -19.73 8.45
CA VAL B 297 27.21 -19.76 9.48
C VAL B 297 25.88 -20.20 8.88
N ALA B 298 24.84 -20.16 9.72
CA ALA B 298 23.54 -20.55 9.28
C ALA B 298 22.98 -19.64 8.22
N ARG B 299 22.03 -20.15 7.46
CA ARG B 299 21.37 -19.38 6.43
C ARG B 299 20.67 -18.23 7.13
N ARG B 300 20.56 -17.12 6.43
CA ARG B 300 19.90 -15.93 6.93
C ARG B 300 18.42 -15.99 6.58
N GLU B 301 17.64 -15.56 7.53
CA GLU B 301 16.21 -15.50 7.43
C GLU B 301 15.76 -14.91 6.12
N GLY B 302 14.95 -15.70 5.44
CA GLY B 302 14.38 -15.29 4.18
C GLY B 302 15.32 -15.11 3.02
N ASP B 303 16.54 -15.63 3.04
CA ASP B 303 17.42 -15.46 1.89
C ASP B 303 17.09 -16.41 0.75
N VAL B 304 17.25 -15.92 -0.47
CA VAL B 304 17.01 -16.72 -1.67
C VAL B 304 18.36 -17.32 -2.07
N ALA B 305 18.35 -18.49 -2.69
CA ALA B 305 19.58 -19.14 -3.12
C ALA B 305 20.31 -18.36 -4.20
N ALA B 306 19.57 -17.98 -5.24
CA ALA B 306 20.13 -17.28 -6.35
C ALA B 306 19.15 -16.32 -7.01
N CYS B 307 19.68 -15.18 -7.40
CA CYS B 307 18.91 -14.15 -8.02
C CYS B 307 19.76 -13.41 -9.01
N TYR B 308 19.32 -13.34 -10.26
CA TYR B 308 20.06 -12.62 -11.29
C TYR B 308 19.13 -12.18 -12.39
N ALA B 309 19.50 -11.13 -13.13
CA ALA B 309 18.58 -10.62 -14.13
C ALA B 309 18.69 -11.07 -15.54
N ASN B 310 17.57 -10.89 -16.23
CA ASN B 310 17.54 -11.12 -17.65
C ASN B 310 17.60 -9.67 -18.13
N PRO B 311 18.72 -9.24 -18.66
CA PRO B 311 18.90 -7.86 -19.08
C PRO B 311 18.44 -7.50 -20.48
N SER B 312 17.81 -8.42 -21.16
CA SER B 312 17.40 -8.16 -22.52
C SER B 312 16.50 -6.98 -22.77
N LEU B 313 15.41 -6.92 -22.02
CA LEU B 313 14.45 -5.83 -22.27
C LEU B 313 15.06 -4.43 -22.12
N ALA B 314 15.85 -4.26 -21.06
CA ALA B 314 16.49 -2.95 -20.87
C ALA B 314 17.42 -2.63 -22.02
N GLN B 315 18.13 -3.65 -22.53
CA GLN B 315 19.03 -3.37 -23.64
C GLN B 315 18.25 -2.93 -24.88
N GLU B 316 17.19 -3.68 -25.17
CA GLU B 316 16.33 -3.45 -26.29
C GLU B 316 15.52 -2.15 -26.29
N GLU B 317 14.79 -1.89 -25.20
CA GLU B 317 13.93 -0.72 -25.04
C GLU B 317 14.56 0.52 -24.47
N LEU B 318 15.32 0.35 -23.40
CA LEU B 318 15.98 1.48 -22.78
C LEU B 318 17.27 1.79 -23.53
N GLY B 319 17.78 0.85 -24.33
CA GLY B 319 19.02 1.11 -25.03
C GLY B 319 20.20 1.09 -24.05
N TRP B 320 20.06 0.40 -22.92
CA TRP B 320 21.13 0.39 -21.93
C TRP B 320 21.61 -1.00 -21.51
N THR B 321 22.90 -1.09 -21.22
CA THR B 321 23.50 -2.31 -20.73
C THR B 321 24.58 -1.92 -19.73
N ALA B 322 24.83 -2.79 -18.76
CA ALA B 322 25.87 -2.51 -17.76
C ALA B 322 27.23 -2.77 -18.42
N ALA B 323 28.16 -1.86 -18.33
CA ALA B 323 29.45 -2.09 -18.97
C ALA B 323 30.55 -2.58 -18.07
N LEU B 324 30.42 -2.36 -16.81
CA LEU B 324 31.51 -2.71 -15.95
C LEU B 324 31.41 -4.06 -15.31
N GLY B 325 32.49 -4.81 -15.35
CA GLY B 325 32.48 -6.15 -14.77
C GLY B 325 32.99 -6.28 -13.36
N LEU B 326 33.05 -7.54 -12.95
CA LEU B 326 33.45 -7.87 -11.61
C LEU B 326 34.75 -7.22 -11.08
N ASP B 327 35.81 -7.35 -11.86
CA ASP B 327 37.09 -6.81 -11.44
C ASP B 327 37.01 -5.30 -11.20
N ARG B 328 36.32 -4.61 -12.13
CA ARG B 328 36.14 -3.18 -12.05
C ARG B 328 35.32 -2.81 -10.81
N MET B 329 34.24 -3.58 -10.55
CA MET B 329 33.43 -3.34 -9.37
C MET B 329 34.26 -3.45 -8.13
N CYS B 330 35.06 -4.51 -8.06
CA CYS B 330 35.88 -4.74 -6.88
C CYS B 330 37.00 -3.71 -6.75
N GLU B 331 37.60 -3.37 -7.89
CA GLU B 331 38.68 -2.37 -7.90
C GLU B 331 38.12 -1.05 -7.36
N ASP B 332 36.94 -0.68 -7.86
CA ASP B 332 36.34 0.58 -7.42
C ASP B 332 35.86 0.59 -6.00
N LEU B 333 35.33 -0.54 -5.56
CA LEU B 333 34.87 -0.63 -4.19
C LEU B 333 36.09 -0.54 -3.27
N TRP B 334 37.13 -1.27 -3.60
CA TRP B 334 38.33 -1.21 -2.77
C TRP B 334 38.93 0.17 -2.66
N ARG B 335 39.01 0.86 -3.80
CA ARG B 335 39.58 2.22 -3.82
C ARG B 335 38.84 3.14 -2.84
N TRP B 336 37.50 3.08 -2.90
CA TRP B 336 36.67 3.89 -2.00
C TRP B 336 36.94 3.52 -0.55
N GLN B 337 36.91 2.24 -0.22
CA GLN B 337 37.15 1.81 1.15
C GLN B 337 38.55 2.16 1.68
N LYS B 338 39.55 1.91 0.84
CA LYS B 338 40.94 2.13 1.22
C LYS B 338 41.26 3.59 1.41
N GLN B 339 40.73 4.40 0.49
CA GLN B 339 40.93 5.83 0.50
C GLN B 339 40.07 6.54 1.54
N ASN B 340 39.02 5.89 2.01
CA ASN B 340 38.12 6.47 3.01
C ASN B 340 37.79 5.43 4.04
N PRO B 341 38.75 5.12 4.89
CA PRO B 341 38.58 4.10 5.91
C PRO B 341 37.39 4.28 6.83
N SER B 342 36.93 5.52 7.00
CA SER B 342 35.79 5.75 7.86
C SER B 342 34.61 6.31 7.07
N GLY B 343 34.57 5.98 5.80
CA GLY B 343 33.45 6.51 5.03
C GLY B 343 33.62 8.00 4.86
N PHE B 344 32.52 8.72 4.78
CA PHE B 344 32.55 10.16 4.58
C PHE B 344 33.02 10.96 5.75
N GLY B 345 32.88 10.37 6.90
CA GLY B 345 33.31 11.11 8.04
C GLY B 345 33.02 10.37 9.31
N THR B 346 33.40 11.02 10.40
CA THR B 346 33.20 10.45 11.71
C THR B 346 32.49 11.43 12.66
#